data_6ON1
#
_entry.id   6ON1
#
_cell.length_a   99.977
_cell.length_b   45.215
_cell.length_c   131.153
_cell.angle_alpha   90.000
_cell.angle_beta   105.200
_cell.angle_gamma   90.000
#
_symmetry.space_group_name_H-M   'P 1 21 1'
#
loop_
_entity.id
_entity.type
_entity.pdbx_description
1 polymer 'L-DOPA dioxygenase'
2 non-polymer 'FE (III) ION'
3 non-polymer 2-AMINO-2-HYDROXYMETHYL-PROPANE-1,3-DIOL
4 water water
#
_entity_poly.entity_id   1
_entity_poly.type   'polypeptide(L)'
_entity_poly.pdbx_seq_one_letter_code
;GSMTREASPGASPEHAFRFHHIGVQTSDLENSLGWYREFFGCEQNWSLEKFSDLTRSRLPGITRLVELAAGDLRIHVFER
AADATPAPVAEVPQFQHLCLATRSPEEMTEWRDRWLELYESGRYTFVRDEGPTDIVVDEDGVLSLYVLDVNGLEYEFTYL
PEGVE
;
_entity_poly.pdbx_strand_id   A,B,C,D,E,F
#
loop_
_chem_comp.id
_chem_comp.type
_chem_comp.name
_chem_comp.formula
FE non-polymer 'FE (III) ION' 'Fe 3'
TRS non-polymer 2-AMINO-2-HYDROXYMETHYL-PROPANE-1,3-DIOL 'C4 H12 N O3 1'
#
# COMPACT_ATOMS: atom_id res chain seq x y z
N HIS A 15 -18.45 -16.48 -8.19
CA HIS A 15 -17.46 -15.48 -8.62
C HIS A 15 -17.03 -14.62 -7.43
N ALA A 16 -15.72 -14.39 -7.33
CA ALA A 16 -15.19 -13.61 -6.22
C ALA A 16 -15.75 -12.18 -6.21
N PHE A 17 -16.00 -11.61 -7.39
CA PHE A 17 -16.64 -10.31 -7.52
C PHE A 17 -17.49 -10.34 -8.77
N ARG A 18 -18.28 -9.28 -8.96
CA ARG A 18 -19.15 -9.16 -10.12
C ARG A 18 -19.05 -7.75 -10.68
N PHE A 19 -18.96 -7.66 -12.01
CA PHE A 19 -18.95 -6.35 -12.65
C PHE A 19 -20.25 -5.62 -12.32
N HIS A 20 -20.15 -4.34 -11.93
CA HIS A 20 -21.32 -3.58 -11.53
C HIS A 20 -21.68 -2.46 -12.51
N HIS A 21 -20.75 -1.56 -12.80
CA HIS A 21 -21.03 -0.50 -13.75
C HIS A 21 -19.73 -0.01 -14.36
N ILE A 22 -19.86 0.65 -15.49
CA ILE A 22 -18.77 1.37 -16.12
C ILE A 22 -19.11 2.85 -16.09
N GLY A 23 -18.10 3.69 -15.84
CA GLY A 23 -18.29 5.13 -15.80
C GLY A 23 -17.91 5.74 -17.13
N VAL A 24 -18.78 6.60 -17.63
CA VAL A 24 -18.55 7.31 -18.88
C VAL A 24 -18.48 8.79 -18.56
N GLN A 25 -17.31 9.38 -18.74
CA GLN A 25 -17.13 10.81 -18.56
C GLN A 25 -17.35 11.54 -19.88
N THR A 26 -18.24 12.53 -19.86
CA THR A 26 -18.60 13.28 -21.06
C THR A 26 -18.49 14.78 -20.77
N SER A 27 -18.33 15.56 -21.85
CA SER A 27 -18.38 17.01 -21.76
C SER A 27 -19.80 17.57 -21.90
N ASP A 28 -20.75 16.76 -22.34
CA ASP A 28 -22.12 17.25 -22.61
C ASP A 28 -23.07 16.15 -22.16
N LEU A 29 -23.46 16.20 -20.88
CA LEU A 29 -24.24 15.11 -20.28
C LEU A 29 -25.58 14.92 -20.98
N GLU A 30 -26.26 16.01 -21.32
CA GLU A 30 -27.60 15.85 -21.89
C GLU A 30 -27.53 15.27 -23.30
N ASN A 31 -26.51 15.64 -24.06
CA ASN A 31 -26.31 15.02 -25.37
C ASN A 31 -26.04 13.52 -25.24
N SER A 32 -25.18 13.14 -24.30
CA SER A 32 -24.87 11.72 -24.10
C SER A 32 -26.09 10.95 -23.60
N LEU A 33 -26.80 11.49 -22.61
CA LEU A 33 -27.99 10.78 -22.10
C LEU A 33 -29.00 10.50 -23.21
N GLY A 34 -29.29 11.50 -24.04
CA GLY A 34 -30.24 11.29 -25.12
C GLY A 34 -29.80 10.21 -26.09
N TRP A 35 -28.51 10.23 -26.48
CA TRP A 35 -28.03 9.27 -27.47
C TRP A 35 -27.96 7.86 -26.89
N TYR A 36 -27.46 7.72 -25.66
CA TYR A 36 -27.43 6.41 -25.01
C TYR A 36 -28.82 5.82 -24.86
N ARG A 37 -29.81 6.65 -24.51
CA ARG A 37 -31.16 6.12 -24.38
C ARG A 37 -31.67 5.62 -25.72
N GLU A 38 -31.48 6.38 -26.80
CA GLU A 38 -32.03 5.98 -28.09
C GLU A 38 -31.24 4.83 -28.70
N PHE A 39 -29.90 4.84 -28.58
CA PHE A 39 -29.11 3.82 -29.24
C PHE A 39 -29.20 2.48 -28.52
N PHE A 40 -28.88 2.46 -27.23
CA PHE A 40 -28.83 1.21 -26.49
C PHE A 40 -30.18 0.81 -25.90
N GLY A 41 -31.16 1.70 -25.91
CA GLY A 41 -32.39 1.49 -25.16
C GLY A 41 -32.26 1.70 -23.67
N CYS A 42 -31.33 2.53 -23.22
CA CYS A 42 -31.12 2.73 -21.79
C CYS A 42 -32.34 3.38 -21.15
N GLU A 43 -32.67 2.93 -19.94
CA GLU A 43 -33.59 3.64 -19.06
C GLU A 43 -32.84 4.17 -17.84
N GLN A 44 -33.27 5.32 -17.34
CA GLN A 44 -32.59 5.97 -16.23
C GLN A 44 -33.08 5.40 -14.89
N ASN A 45 -32.15 5.00 -14.04
CA ASN A 45 -32.50 4.53 -12.70
C ASN A 45 -32.53 5.63 -11.66
N TRP A 46 -31.64 6.61 -11.79
CA TRP A 46 -31.55 7.73 -10.85
C TRP A 46 -30.55 8.73 -11.40
N SER A 47 -30.57 9.92 -10.82
CA SER A 47 -29.56 10.94 -11.07
C SER A 47 -29.15 11.53 -9.74
N LEU A 48 -27.99 12.17 -9.74
CA LEU A 48 -27.41 12.65 -8.50
C LEU A 48 -26.69 13.96 -8.77
N GLU A 49 -26.91 14.96 -7.91
CA GLU A 49 -26.21 16.24 -8.02
C GLU A 49 -25.58 16.66 -6.69
N LYS A 50 -25.55 15.78 -5.70
CA LYS A 50 -24.87 16.02 -4.43
C LYS A 50 -23.99 14.81 -4.13
N PHE A 51 -22.72 15.09 -3.84
CA PHE A 51 -21.68 14.06 -3.83
C PHE A 51 -20.91 14.05 -2.52
N SER A 52 -20.46 12.85 -2.16
CA SER A 52 -19.50 12.67 -1.08
C SER A 52 -18.20 13.41 -1.39
N ASP A 53 -17.43 13.69 -0.32
CA ASP A 53 -16.07 14.18 -0.51
C ASP A 53 -15.28 13.21 -1.40
N LEU A 54 -15.43 11.91 -1.17
CA LEU A 54 -14.64 10.94 -1.93
C LEU A 54 -14.98 11.04 -3.42
N THR A 55 -16.27 11.07 -3.76
CA THR A 55 -16.63 11.20 -5.17
C THR A 55 -16.00 12.45 -5.77
N ARG A 56 -16.11 13.58 -5.06
CA ARG A 56 -15.52 14.81 -5.60
C ARG A 56 -14.00 14.78 -5.65
N SER A 57 -13.35 13.97 -4.82
CA SER A 57 -11.89 13.89 -4.93
C SER A 57 -11.46 13.03 -6.12
N ARG A 58 -12.25 12.02 -6.50
CA ARG A 58 -11.95 11.23 -7.69
C ARG A 58 -12.33 11.96 -8.97
N LEU A 59 -13.41 12.76 -8.93
CA LEU A 59 -13.96 13.45 -10.10
C LEU A 59 -14.14 14.93 -9.77
N PRO A 60 -13.05 15.69 -9.64
CA PRO A 60 -13.19 17.11 -9.27
C PRO A 60 -14.06 17.85 -10.26
N GLY A 61 -14.97 18.67 -9.72
CA GLY A 61 -15.84 19.48 -10.55
C GLY A 61 -17.07 18.77 -11.07
N ILE A 62 -17.30 17.51 -10.69
CA ILE A 62 -18.48 16.79 -11.14
C ILE A 62 -19.73 17.57 -10.76
N THR A 63 -20.64 17.71 -11.72
CA THR A 63 -21.88 18.43 -11.53
C THR A 63 -23.11 17.54 -11.53
N ARG A 64 -23.13 16.47 -12.31
CA ARG A 64 -24.32 15.65 -12.37
C ARG A 64 -23.94 14.24 -12.82
N LEU A 65 -24.56 13.25 -12.18
CA LEU A 65 -24.29 11.84 -12.45
C LEU A 65 -25.61 11.12 -12.65
N VAL A 66 -25.67 10.25 -13.67
CA VAL A 66 -26.89 9.52 -13.98
C VAL A 66 -26.55 8.04 -14.14
N GLU A 67 -27.33 7.17 -13.51
CA GLU A 67 -27.17 5.74 -13.73
C GLU A 67 -28.16 5.31 -14.81
N LEU A 68 -27.64 4.79 -15.93
CA LEU A 68 -28.43 4.22 -17.00
C LEU A 68 -28.32 2.70 -16.97
N ALA A 69 -29.30 2.04 -17.57
CA ALA A 69 -29.33 0.58 -17.59
C ALA A 69 -29.84 0.10 -18.94
N ALA A 70 -29.12 -0.84 -19.55
CA ALA A 70 -29.57 -1.51 -20.77
C ALA A 70 -29.00 -2.92 -20.77
N GLY A 71 -29.83 -3.90 -21.11
CA GLY A 71 -29.39 -5.28 -20.95
C GLY A 71 -29.00 -5.51 -19.50
N ASP A 72 -27.85 -6.18 -19.32
N ASP A 72 -27.87 -6.18 -19.29
CA ASP A 72 -27.24 -6.37 -18.01
CA ASP A 72 -27.35 -6.28 -17.93
C ASP A 72 -26.28 -5.25 -17.63
C ASP A 72 -26.19 -5.31 -17.70
N LEU A 73 -26.12 -4.24 -18.48
CA LEU A 73 -25.07 -3.24 -18.37
C LEU A 73 -25.57 -2.01 -17.64
N ARG A 74 -24.84 -1.61 -16.60
CA ARG A 74 -25.07 -0.35 -15.91
C ARG A 74 -24.00 0.65 -16.36
N ILE A 75 -24.45 1.83 -16.76
CA ILE A 75 -23.58 2.88 -17.29
C ILE A 75 -23.83 4.13 -16.46
N HIS A 76 -22.82 4.57 -15.72
CA HIS A 76 -22.87 5.83 -14.98
C HIS A 76 -22.29 6.91 -15.88
N VAL A 77 -23.14 7.83 -16.33
CA VAL A 77 -22.73 8.93 -17.19
C VAL A 77 -22.64 10.19 -16.34
N PHE A 78 -21.50 10.87 -16.42
CA PHE A 78 -21.34 12.08 -15.63
C PHE A 78 -20.58 13.14 -16.40
N GLU A 79 -20.79 14.40 -16.00
CA GLU A 79 -20.11 15.53 -16.59
C GLU A 79 -19.42 16.31 -15.48
N ARG A 80 -18.18 16.74 -15.76
CA ARG A 80 -17.45 17.61 -14.85
C ARG A 80 -17.30 19.00 -15.45
N ALA A 81 -17.32 20.01 -14.59
CA ALA A 81 -17.17 21.37 -15.07
C ALA A 81 -15.84 21.51 -15.80
N ALA A 82 -15.90 21.97 -17.04
CA ALA A 82 -14.68 22.23 -17.80
C ALA A 82 -14.93 23.33 -18.81
N ASP A 83 -13.86 24.06 -19.14
CA ASP A 83 -13.97 25.15 -20.10
C ASP A 83 -13.84 24.65 -21.54
N ALA A 84 -12.96 23.70 -21.79
CA ALA A 84 -12.74 23.16 -23.12
C ALA A 84 -13.46 21.83 -23.29
N THR A 85 -13.46 21.33 -24.53
CA THR A 85 -14.11 20.06 -24.89
C THR A 85 -13.13 19.20 -25.67
N PRO A 86 -12.10 18.68 -25.02
CA PRO A 86 -11.10 17.89 -25.74
C PRO A 86 -11.71 16.60 -26.28
N ALA A 87 -11.01 16.03 -27.21
CA ALA A 87 -11.34 14.71 -27.73
C ALA A 87 -10.64 13.65 -26.90
N PRO A 88 -11.08 12.40 -26.98
CA PRO A 88 -10.28 11.30 -26.40
C PRO A 88 -8.89 11.26 -26.99
N VAL A 89 -7.94 10.80 -26.17
CA VAL A 89 -6.54 10.63 -26.56
C VAL A 89 -6.30 9.13 -26.76
N ALA A 90 -5.95 8.74 -27.97
CA ALA A 90 -5.87 7.31 -28.30
C ALA A 90 -4.62 6.63 -27.75
N GLU A 91 -3.54 7.38 -27.50
CA GLU A 91 -2.25 6.75 -27.24
C GLU A 91 -2.13 6.24 -25.81
N VAL A 92 -2.75 6.94 -24.85
CA VAL A 92 -2.48 6.77 -23.43
C VAL A 92 -3.10 5.49 -22.89
N PRO A 93 -2.61 4.93 -21.78
CA PRO A 93 -3.28 3.78 -21.17
C PRO A 93 -4.73 4.14 -20.86
N GLN A 94 -5.63 3.18 -21.06
CA GLN A 94 -7.05 3.52 -21.00
C GLN A 94 -7.88 2.26 -21.08
N PHE A 95 -9.09 2.36 -20.55
CA PHE A 95 -10.18 1.48 -20.94
C PHE A 95 -10.56 1.88 -22.35
N GLN A 96 -10.15 1.09 -23.33
CA GLN A 96 -10.13 1.51 -24.72
C GLN A 96 -11.44 1.21 -25.45
N HIS A 97 -12.10 0.11 -25.13
CA HIS A 97 -13.36 -0.20 -25.78
C HIS A 97 -14.17 -1.11 -24.87
N LEU A 98 -15.47 -1.13 -25.13
CA LEU A 98 -16.41 -1.99 -24.46
C LEU A 98 -17.04 -2.88 -25.54
N CYS A 99 -17.13 -4.17 -25.29
CA CYS A 99 -17.65 -5.09 -26.30
C CYS A 99 -18.96 -5.69 -25.83
N LEU A 100 -19.99 -5.61 -26.66
CA LEU A 100 -21.28 -6.20 -26.41
C LEU A 100 -21.54 -7.34 -27.39
N ALA A 101 -22.04 -8.45 -26.88
CA ALA A 101 -22.39 -9.59 -27.71
C ALA A 101 -23.84 -9.52 -28.16
N THR A 102 -24.07 -9.84 -29.44
CA THR A 102 -25.39 -9.86 -30.05
C THR A 102 -25.87 -11.31 -30.22
N ARG A 103 -27.11 -11.47 -30.66
CA ARG A 103 -27.66 -12.82 -30.75
C ARG A 103 -27.77 -13.36 -32.16
N SER A 104 -27.55 -12.54 -33.19
CA SER A 104 -27.70 -13.00 -34.55
C SER A 104 -26.96 -12.07 -35.47
N PRO A 105 -26.58 -12.54 -36.66
CA PRO A 105 -26.03 -11.63 -37.68
C PRO A 105 -26.99 -10.54 -38.08
N GLU A 106 -28.29 -10.79 -38.00
CA GLU A 106 -29.29 -9.78 -38.28
C GLU A 106 -29.18 -8.61 -37.29
N GLU A 107 -28.93 -8.92 -36.03
CA GLU A 107 -28.83 -7.85 -35.04
C GLU A 107 -27.61 -6.99 -35.27
N MET A 108 -26.51 -7.57 -35.76
CA MET A 108 -25.32 -6.77 -36.06
C MET A 108 -25.66 -5.72 -37.11
N THR A 109 -26.35 -6.13 -38.19
CA THR A 109 -26.77 -5.17 -39.21
C THR A 109 -27.67 -4.10 -38.61
N GLU A 110 -28.58 -4.50 -37.72
CA GLU A 110 -29.50 -3.56 -37.10
C GLU A 110 -28.76 -2.53 -36.24
N TRP A 111 -27.78 -2.98 -35.46
CA TRP A 111 -26.97 -2.05 -34.67
C TRP A 111 -26.27 -1.05 -35.58
N ARG A 112 -25.74 -1.51 -36.71
CA ARG A 112 -25.09 -0.62 -37.65
C ARG A 112 -26.08 0.36 -38.26
N ASP A 113 -27.23 -0.14 -38.72
CA ASP A 113 -28.24 0.74 -39.30
C ASP A 113 -28.73 1.75 -38.27
N ARG A 114 -29.01 1.29 -37.05
CA ARG A 114 -29.49 2.20 -36.00
CA ARG A 114 -29.49 2.20 -36.00
C ARG A 114 -28.48 3.31 -35.71
N TRP A 115 -27.18 2.99 -35.77
CA TRP A 115 -26.15 4.01 -35.53
C TRP A 115 -26.25 5.10 -36.58
N LEU A 116 -26.29 4.70 -37.87
CA LEU A 116 -26.36 5.67 -38.95
C LEU A 116 -27.63 6.50 -38.87
N GLU A 117 -28.74 5.86 -38.48
CA GLU A 117 -30.00 6.58 -38.31
C GLU A 117 -29.88 7.67 -37.25
N LEU A 118 -29.24 7.36 -36.11
CA LEU A 118 -29.09 8.38 -35.08
C LEU A 118 -28.12 9.46 -35.51
N TYR A 119 -27.06 9.07 -36.22
CA TYR A 119 -26.13 10.07 -36.73
C TYR A 119 -26.81 11.02 -37.70
N GLU A 120 -27.61 10.47 -38.63
CA GLU A 120 -28.24 11.30 -39.64
C GLU A 120 -29.42 12.12 -39.10
N SER A 121 -29.93 11.78 -37.90
CA SER A 121 -31.11 12.46 -37.38
C SER A 121 -30.85 13.92 -37.01
N GLY A 122 -29.60 14.31 -36.82
CA GLY A 122 -29.28 15.67 -36.47
C GLY A 122 -29.60 16.04 -35.04
N ARG A 123 -29.98 15.08 -34.20
CA ARG A 123 -30.33 15.35 -32.82
C ARG A 123 -29.13 15.38 -31.88
N TYR A 124 -27.97 14.86 -32.32
CA TYR A 124 -26.82 14.71 -31.44
C TYR A 124 -25.57 15.29 -32.08
N THR A 125 -24.67 15.77 -31.24
CA THR A 125 -23.32 16.13 -31.65
C THR A 125 -22.36 14.98 -31.38
N PHE A 126 -21.37 14.81 -32.26
CA PHE A 126 -20.40 13.74 -32.17
C PHE A 126 -19.00 14.32 -32.18
N VAL A 127 -18.17 13.89 -31.22
CA VAL A 127 -16.78 14.33 -31.16
C VAL A 127 -16.05 13.98 -32.46
N ARG A 128 -16.34 12.82 -33.04
CA ARG A 128 -15.68 12.38 -34.26
CA ARG A 128 -15.68 12.38 -34.26
C ARG A 128 -16.67 12.29 -35.41
N ASP A 129 -16.15 12.47 -36.62
CA ASP A 129 -16.88 12.34 -37.89
C ASP A 129 -16.94 10.89 -38.38
N GLU A 130 -16.36 9.95 -37.64
CA GLU A 130 -16.09 8.61 -38.16
C GLU A 130 -17.33 7.72 -38.12
N GLY A 131 -17.64 7.09 -39.25
CA GLY A 131 -18.77 6.18 -39.31
C GLY A 131 -18.46 4.78 -38.82
N PRO A 132 -19.46 3.91 -38.83
CA PRO A 132 -19.24 2.52 -38.41
C PRO A 132 -18.36 1.79 -39.39
N THR A 133 -17.67 0.77 -38.88
CA THR A 133 -17.01 -0.17 -39.76
C THR A 133 -18.06 -0.98 -40.50
N ASP A 134 -17.61 -1.70 -41.53
CA ASP A 134 -18.42 -2.81 -42.03
C ASP A 134 -18.53 -3.89 -40.97
N ILE A 135 -19.53 -4.76 -41.12
CA ILE A 135 -19.59 -5.98 -40.34
C ILE A 135 -18.62 -6.99 -40.96
N VAL A 136 -17.63 -7.45 -40.19
CA VAL A 136 -16.54 -8.27 -40.69
C VAL A 136 -16.60 -9.66 -40.05
N VAL A 137 -16.11 -10.68 -40.77
CA VAL A 137 -16.04 -12.06 -40.29
C VAL A 137 -14.59 -12.47 -40.19
N ASP A 138 -14.28 -13.31 -39.20
CA ASP A 138 -12.92 -13.80 -39.03
C ASP A 138 -12.84 -15.29 -39.35
N GLU A 139 -11.64 -15.85 -39.17
CA GLU A 139 -11.38 -17.24 -39.52
C GLU A 139 -12.33 -18.20 -38.82
N ASP A 140 -12.98 -17.77 -37.73
CA ASP A 140 -13.82 -18.66 -36.94
C ASP A 140 -15.30 -18.34 -37.05
N GLY A 141 -15.68 -17.48 -37.99
CA GLY A 141 -17.08 -17.11 -38.11
C GLY A 141 -17.53 -15.97 -37.20
N VAL A 142 -16.65 -15.45 -36.33
CA VAL A 142 -17.04 -14.36 -35.45
C VAL A 142 -17.28 -13.10 -36.26
N LEU A 143 -18.40 -12.42 -36.00
CA LEU A 143 -18.72 -11.16 -36.65
C LEU A 143 -18.33 -10.00 -35.74
N SER A 144 -17.79 -8.94 -36.34
CA SER A 144 -17.36 -7.77 -35.57
C SER A 144 -17.93 -6.50 -36.18
N LEU A 145 -18.19 -5.53 -35.32
CA LEU A 145 -18.60 -4.20 -35.72
C LEU A 145 -18.09 -3.21 -34.68
N TYR A 146 -17.48 -2.12 -35.13
CA TYR A 146 -17.05 -1.05 -34.22
C TYR A 146 -17.79 0.24 -34.58
N VAL A 147 -18.32 0.92 -33.56
CA VAL A 147 -18.93 2.24 -33.71
C VAL A 147 -18.38 3.13 -32.60
N LEU A 148 -18.58 4.42 -32.77
CA LEU A 148 -18.22 5.41 -31.75
C LEU A 148 -19.46 6.04 -31.14
N ASP A 149 -19.45 6.23 -29.83
CA ASP A 149 -20.52 6.97 -29.20
C ASP A 149 -20.31 8.46 -29.49
N VAL A 150 -21.20 9.30 -28.96
CA VAL A 150 -21.11 10.73 -29.21
C VAL A 150 -19.88 11.35 -28.58
N ASN A 151 -19.19 10.63 -27.69
CA ASN A 151 -17.98 11.14 -27.06
C ASN A 151 -16.72 10.73 -27.81
N GLY A 152 -16.86 9.99 -28.90
CA GLY A 152 -15.70 9.41 -29.55
C GLY A 152 -15.17 8.13 -28.93
N LEU A 153 -15.91 7.51 -28.00
CA LEU A 153 -15.49 6.27 -27.35
C LEU A 153 -15.98 5.06 -28.14
N GLU A 154 -15.18 4.00 -28.11
CA GLU A 154 -15.37 2.88 -29.03
C GLU A 154 -16.19 1.77 -28.40
N TYR A 155 -17.24 1.35 -29.11
CA TYR A 155 -18.02 0.17 -28.76
C TYR A 155 -17.83 -0.87 -29.84
N GLU A 156 -17.65 -2.12 -29.42
CA GLU A 156 -17.51 -3.26 -30.32
C GLU A 156 -18.76 -4.12 -30.17
N PHE A 157 -19.40 -4.43 -31.28
CA PHE A 157 -20.46 -5.42 -31.29
C PHE A 157 -19.91 -6.71 -31.90
N THR A 158 -20.25 -7.83 -31.29
CA THR A 158 -19.75 -9.12 -31.76
C THR A 158 -20.89 -10.13 -31.80
N TYR A 159 -20.73 -11.11 -32.68
CA TYR A 159 -21.65 -12.25 -32.75
C TYR A 159 -20.82 -13.52 -32.76
N LEU A 160 -21.08 -14.39 -31.79
CA LEU A 160 -20.32 -15.62 -31.60
C LEU A 160 -21.14 -16.79 -32.12
N PRO A 161 -20.77 -17.42 -33.24
CA PRO A 161 -21.46 -18.62 -33.73
C PRO A 161 -21.43 -19.76 -32.71
N HIS B 15 -32.84 -10.29 -23.39
CA HIS B 15 -31.88 -9.20 -23.28
C HIS B 15 -31.38 -8.78 -24.67
N ALA B 16 -31.42 -7.47 -24.96
CA ALA B 16 -31.01 -7.00 -26.28
C ALA B 16 -29.53 -7.25 -26.56
N PHE B 17 -28.70 -7.24 -25.53
CA PHE B 17 -27.29 -7.58 -25.71
C PHE B 17 -26.70 -7.92 -24.34
N ARG B 18 -25.47 -8.42 -24.37
CA ARG B 18 -24.77 -8.80 -23.16
C ARG B 18 -23.34 -8.30 -23.21
N PHE B 19 -22.92 -7.69 -22.10
CA PHE B 19 -21.53 -7.28 -21.96
C PHE B 19 -20.63 -8.48 -22.18
N HIS B 20 -19.65 -8.34 -23.07
CA HIS B 20 -18.73 -9.43 -23.37
C HIS B 20 -17.34 -9.21 -22.81
N HIS B 21 -16.72 -8.05 -23.05
CA HIS B 21 -15.38 -7.80 -22.53
C HIS B 21 -15.10 -6.30 -22.56
N ILE B 22 -14.10 -5.92 -21.77
CA ILE B 22 -13.53 -4.57 -21.76
C ILE B 22 -12.10 -4.65 -22.26
N GLY B 23 -11.70 -3.69 -23.10
CA GLY B 23 -10.33 -3.60 -23.55
C GLY B 23 -9.51 -2.66 -22.68
N VAL B 24 -8.35 -3.13 -22.24
CA VAL B 24 -7.42 -2.30 -21.46
C VAL B 24 -6.15 -2.14 -22.29
N GLN B 25 -5.82 -0.90 -22.62
CA GLN B 25 -4.62 -0.60 -23.39
C GLN B 25 -3.50 -0.23 -22.43
N THR B 26 -2.34 -0.86 -22.59
CA THR B 26 -1.22 -0.67 -21.69
C THR B 26 0.04 -0.35 -22.47
N SER B 27 1.01 0.28 -21.80
CA SER B 27 2.33 0.51 -22.38
C SER B 27 3.35 -0.55 -21.95
N ASP B 28 2.97 -1.48 -21.08
CA ASP B 28 3.89 -2.50 -20.57
C ASP B 28 3.04 -3.74 -20.29
N LEU B 29 2.91 -4.61 -21.30
CA LEU B 29 1.99 -5.72 -21.18
C LEU B 29 2.41 -6.70 -20.08
N GLU B 30 3.71 -7.00 -19.99
CA GLU B 30 4.16 -7.98 -19.01
C GLU B 30 3.76 -7.56 -17.60
N ASN B 31 4.04 -6.31 -17.25
CA ASN B 31 3.71 -5.79 -15.93
C ASN B 31 2.20 -5.83 -15.66
N SER B 32 1.38 -5.53 -16.66
CA SER B 32 -0.07 -5.59 -16.46
C SER B 32 -0.52 -7.03 -16.26
N LEU B 33 -0.03 -7.94 -17.12
CA LEU B 33 -0.42 -9.33 -17.01
C LEU B 33 -0.14 -9.86 -15.61
N GLY B 34 1.06 -9.58 -15.08
CA GLY B 34 1.39 -10.04 -13.74
C GLY B 34 0.49 -9.44 -12.67
N TRP B 35 0.28 -8.12 -12.72
CA TRP B 35 -0.52 -7.49 -11.66
C TRP B 35 -1.98 -7.92 -11.73
N TYR B 36 -2.56 -7.95 -12.94
CA TYR B 36 -3.94 -8.38 -13.07
C TYR B 36 -4.12 -9.81 -12.58
N ARG B 37 -3.16 -10.68 -12.89
CA ARG B 37 -3.22 -12.06 -12.41
C ARG B 37 -3.13 -12.11 -10.89
N GLU B 38 -2.20 -11.36 -10.29
CA GLU B 38 -2.06 -11.46 -8.85
C GLU B 38 -3.17 -10.71 -8.10
N PHE B 39 -3.53 -9.51 -8.56
CA PHE B 39 -4.53 -8.73 -7.82
C PHE B 39 -5.93 -9.32 -8.00
N PHE B 40 -6.35 -9.52 -9.24
CA PHE B 40 -7.70 -9.98 -9.53
C PHE B 40 -7.85 -11.50 -9.55
N GLY B 41 -6.75 -12.24 -9.55
CA GLY B 41 -6.83 -13.68 -9.77
C GLY B 41 -7.17 -14.06 -11.19
N CYS B 42 -6.93 -13.18 -12.15
CA CYS B 42 -7.21 -13.46 -13.55
C CYS B 42 -6.46 -14.72 -14.01
N GLU B 43 -7.03 -15.40 -14.98
CA GLU B 43 -6.31 -16.44 -15.71
C GLU B 43 -6.20 -16.00 -17.17
N GLN B 44 -5.09 -16.34 -17.81
CA GLN B 44 -4.86 -15.99 -19.21
C GLN B 44 -5.57 -17.02 -20.07
N ASN B 45 -6.72 -16.67 -20.62
CA ASN B 45 -7.44 -17.63 -21.46
C ASN B 45 -6.69 -17.92 -22.76
N TRP B 46 -6.16 -16.89 -23.41
CA TRP B 46 -5.39 -17.07 -24.64
C TRP B 46 -4.60 -15.80 -24.91
N SER B 47 -3.70 -15.91 -25.87
CA SER B 47 -2.78 -14.87 -26.26
C SER B 47 -2.74 -14.83 -27.78
N LEU B 48 -2.53 -13.65 -28.35
CA LEU B 48 -2.56 -13.50 -29.79
C LEU B 48 -1.49 -12.49 -30.20
N GLU B 49 -0.80 -12.77 -31.32
CA GLU B 49 0.20 -11.85 -31.85
C GLU B 49 0.07 -11.64 -33.36
N LYS B 50 -1.03 -12.09 -33.95
CA LYS B 50 -1.35 -11.95 -35.36
C LYS B 50 -2.74 -11.35 -35.46
N PHE B 51 -2.90 -10.27 -36.22
CA PHE B 51 -4.17 -9.55 -36.16
C PHE B 51 -4.79 -9.35 -37.53
N SER B 52 -6.12 -9.33 -37.54
CA SER B 52 -6.87 -9.04 -38.75
C SER B 52 -6.63 -7.59 -39.16
N ASP B 53 -7.00 -7.27 -40.40
CA ASP B 53 -6.85 -5.90 -40.87
C ASP B 53 -7.75 -4.97 -40.08
N LEU B 54 -8.94 -5.43 -39.71
CA LEU B 54 -9.85 -4.60 -38.94
C LEU B 54 -9.26 -4.25 -37.57
N THR B 55 -8.71 -5.25 -36.88
CA THR B 55 -8.10 -4.98 -35.58
C THR B 55 -6.97 -3.96 -35.71
N ARG B 56 -6.12 -4.15 -36.72
CA ARG B 56 -4.99 -3.25 -36.92
C ARG B 56 -5.46 -1.86 -37.31
N SER B 57 -6.62 -1.75 -37.96
CA SER B 57 -7.16 -0.43 -38.26
C SER B 57 -7.68 0.26 -36.99
N ARG B 58 -8.25 -0.50 -36.05
CA ARG B 58 -8.73 0.15 -34.81
C ARG B 58 -7.60 0.42 -33.84
N LEU B 59 -6.56 -0.41 -33.84
CA LEU B 59 -5.49 -0.32 -32.86
C LEU B 59 -4.14 -0.37 -33.59
N PRO B 60 -3.80 0.70 -34.31
CA PRO B 60 -2.56 0.70 -35.09
C PRO B 60 -1.35 0.41 -34.21
N GLY B 61 -0.47 -0.47 -34.69
CA GLY B 61 0.73 -0.79 -33.95
C GLY B 61 0.54 -1.82 -32.86
N ILE B 62 -0.62 -2.47 -32.78
CA ILE B 62 -0.83 -3.49 -31.76
C ILE B 62 0.12 -4.65 -32.00
N THR B 63 0.80 -5.09 -30.93
CA THR B 63 1.76 -6.18 -31.01
C THR B 63 1.31 -7.46 -30.30
N ARG B 64 0.64 -7.36 -29.16
CA ARG B 64 0.19 -8.55 -28.45
C ARG B 64 -1.13 -8.25 -27.75
N LEU B 65 -2.01 -9.25 -27.70
CA LEU B 65 -3.31 -9.14 -27.05
C LEU B 65 -3.52 -10.40 -26.22
N VAL B 66 -4.06 -10.23 -25.01
CA VAL B 66 -4.31 -11.34 -24.09
C VAL B 66 -5.71 -11.21 -23.52
N GLU B 67 -6.45 -12.31 -23.48
CA GLU B 67 -7.73 -12.33 -22.79
C GLU B 67 -7.54 -12.89 -21.40
N LEU B 68 -7.89 -12.09 -20.40
CA LEU B 68 -7.91 -12.53 -19.02
C LEU B 68 -9.34 -12.67 -18.54
N ALA B 69 -9.55 -13.60 -17.61
CA ALA B 69 -10.85 -13.82 -17.01
C ALA B 69 -10.72 -13.85 -15.50
N ALA B 70 -11.56 -13.07 -14.83
CA ALA B 70 -11.68 -13.06 -13.37
C ALA B 70 -13.10 -12.67 -13.02
N GLY B 71 -13.67 -13.34 -12.02
CA GLY B 71 -15.07 -13.13 -11.70
C GLY B 71 -15.92 -13.41 -12.93
N ASP B 72 -16.91 -12.55 -13.16
CA ASP B 72 -17.73 -12.65 -14.36
C ASP B 72 -17.25 -11.71 -15.46
N LEU B 73 -15.97 -11.33 -15.43
CA LEU B 73 -15.42 -10.29 -16.28
C LEU B 73 -14.39 -10.87 -17.24
N ARG B 74 -14.46 -10.45 -18.50
CA ARG B 74 -13.44 -10.71 -19.51
C ARG B 74 -12.67 -9.42 -19.76
N ILE B 75 -11.36 -9.47 -19.60
CA ILE B 75 -10.48 -8.32 -19.84
C ILE B 75 -9.54 -8.65 -20.98
N HIS B 76 -9.53 -7.79 -22.00
CA HIS B 76 -8.61 -7.92 -23.15
C HIS B 76 -7.50 -6.90 -22.97
N VAL B 77 -6.33 -7.36 -22.47
CA VAL B 77 -5.19 -6.47 -22.25
C VAL B 77 -4.31 -6.49 -23.48
N PHE B 78 -3.94 -5.32 -23.98
CA PHE B 78 -3.11 -5.29 -25.19
C PHE B 78 -2.18 -4.09 -25.16
N GLU B 79 -1.09 -4.22 -25.90
CA GLU B 79 -0.05 -3.21 -25.97
C GLU B 79 0.17 -2.83 -27.43
N ARG B 80 0.42 -1.54 -27.69
CA ARG B 80 0.65 -1.10 -29.05
C ARG B 80 2.10 -0.70 -29.16
N ALA B 81 2.45 0.58 -29.10
CA ALA B 81 3.83 1.03 -29.18
C ALA B 81 4.34 1.37 -27.79
N ALA B 82 5.53 0.89 -27.46
CA ALA B 82 6.13 1.13 -26.15
C ALA B 82 6.48 2.61 -25.98
N THR B 85 2.96 7.54 -25.29
CA THR B 85 2.86 8.52 -24.21
C THR B 85 2.20 7.90 -22.99
N PRO B 86 2.93 7.81 -21.88
CA PRO B 86 2.38 7.20 -20.67
C PRO B 86 1.35 8.09 -19.99
N ALA B 87 0.74 7.58 -18.93
CA ALA B 87 -0.17 8.31 -18.04
C ALA B 87 -1.51 8.64 -18.69
N PRO B 88 -2.61 8.08 -18.17
CA PRO B 88 -3.95 8.48 -18.61
C PRO B 88 -4.15 9.98 -18.52
N VAL B 89 -5.06 10.52 -19.33
CA VAL B 89 -5.40 11.93 -19.27
C VAL B 89 -6.77 12.06 -18.60
N ALA B 90 -6.83 12.87 -17.53
CA ALA B 90 -8.02 12.88 -16.67
C ALA B 90 -9.18 13.69 -17.23
N GLU B 91 -8.93 14.70 -18.07
CA GLU B 91 -9.97 15.64 -18.44
C GLU B 91 -10.76 15.23 -19.68
N VAL B 92 -10.25 14.30 -20.49
CA VAL B 92 -10.88 14.01 -21.78
C VAL B 92 -12.08 13.07 -21.59
N PRO B 93 -13.02 13.02 -22.54
CA PRO B 93 -14.03 11.96 -22.51
C PRO B 93 -13.36 10.60 -22.47
N GLN B 94 -13.94 9.69 -21.69
CA GLN B 94 -13.29 8.39 -21.49
C GLN B 94 -14.26 7.44 -20.81
N PHE B 95 -14.00 6.15 -20.99
CA PHE B 95 -14.43 5.14 -20.02
C PHE B 95 -13.57 5.38 -18.77
N GLN B 96 -14.14 6.00 -17.74
CA GLN B 96 -13.33 6.58 -16.68
C GLN B 96 -12.99 5.59 -15.59
N HIS B 97 -13.89 4.65 -15.31
CA HIS B 97 -13.65 3.67 -14.27
C HIS B 97 -14.57 2.48 -14.47
N LEU B 98 -14.14 1.37 -13.88
CA LEU B 98 -14.89 0.12 -13.81
C LEU B 98 -15.19 -0.15 -12.35
N CYS B 99 -16.41 -0.56 -12.06
CA CYS B 99 -16.82 -0.81 -10.68
C CYS B 99 -17.15 -2.28 -10.50
N LEU B 100 -16.54 -2.91 -9.50
CA LEU B 100 -16.77 -4.31 -9.18
C LEU B 100 -17.49 -4.41 -7.84
N ALA B 101 -18.54 -5.21 -7.79
CA ALA B 101 -19.27 -5.43 -6.54
C ALA B 101 -18.67 -6.60 -5.78
N THR B 102 -18.54 -6.43 -4.47
CA THR B 102 -17.98 -7.45 -3.58
C THR B 102 -19.09 -8.15 -2.81
N ARG B 103 -18.71 -9.11 -1.98
CA ARG B 103 -19.70 -9.94 -1.29
C ARG B 103 -19.86 -9.63 0.18
N SER B 104 -18.96 -8.87 0.80
CA SER B 104 -19.05 -8.59 2.23
C SER B 104 -18.22 -7.34 2.53
N PRO B 105 -18.48 -6.67 3.66
CA PRO B 105 -17.58 -5.57 4.07
C PRO B 105 -16.16 -6.04 4.30
N GLU B 106 -15.98 -7.25 4.82
CA GLU B 106 -14.63 -7.73 5.08
C GLU B 106 -13.83 -7.88 3.79
N GLU B 107 -14.51 -8.23 2.69
CA GLU B 107 -13.83 -8.32 1.40
C GLU B 107 -13.35 -6.96 0.92
N MET B 108 -14.09 -5.89 1.23
CA MET B 108 -13.62 -4.55 0.88
C MET B 108 -12.30 -4.25 1.59
N THR B 109 -12.23 -4.55 2.89
CA THR B 109 -10.96 -4.43 3.60
C THR B 109 -9.86 -5.22 2.91
N GLU B 110 -10.20 -6.42 2.44
CA GLU B 110 -9.23 -7.32 1.81
C GLU B 110 -8.70 -6.74 0.52
N TRP B 111 -9.58 -6.22 -0.33
CA TRP B 111 -9.15 -5.59 -1.57
C TRP B 111 -8.19 -4.43 -1.31
N ARG B 112 -8.52 -3.59 -0.33
CA ARG B 112 -7.61 -2.51 0.06
C ARG B 112 -6.28 -3.07 0.56
N ASP B 113 -6.34 -4.03 1.49
CA ASP B 113 -5.10 -4.60 2.03
C ASP B 113 -4.27 -5.26 0.93
N ARG B 114 -4.92 -5.94 0.00
CA ARG B 114 -4.16 -6.64 -1.03
C ARG B 114 -3.59 -5.66 -2.05
N TRP B 115 -4.29 -4.56 -2.35
CA TRP B 115 -3.71 -3.53 -3.20
C TRP B 115 -2.40 -3.03 -2.62
N LEU B 116 -2.41 -2.67 -1.32
CA LEU B 116 -1.19 -2.18 -0.67
C LEU B 116 -0.08 -3.23 -0.65
N GLU B 117 -0.43 -4.49 -0.35
CA GLU B 117 0.57 -5.56 -0.35
C GLU B 117 1.30 -5.63 -1.68
N LEU B 118 0.54 -5.64 -2.78
CA LEU B 118 1.12 -5.70 -4.12
C LEU B 118 1.93 -4.46 -4.46
N TYR B 119 1.40 -3.27 -4.15
CA TYR B 119 2.14 -2.03 -4.40
C TYR B 119 3.48 -2.05 -3.68
N GLU B 120 3.50 -2.49 -2.43
CA GLU B 120 4.72 -2.44 -1.63
C GLU B 120 5.66 -3.61 -1.92
N SER B 121 5.22 -4.58 -2.72
CA SER B 121 6.04 -5.76 -2.98
C SER B 121 7.22 -5.46 -3.88
N GLY B 122 7.18 -4.40 -4.69
CA GLY B 122 8.21 -4.21 -5.69
C GLY B 122 8.10 -5.07 -6.91
N ARG B 123 7.07 -5.92 -7.00
CA ARG B 123 6.91 -6.76 -8.19
C ARG B 123 6.42 -5.98 -9.40
N TYR B 124 5.83 -4.78 -9.21
CA TYR B 124 5.18 -4.05 -10.28
C TYR B 124 5.58 -2.58 -10.25
N THR B 125 5.50 -1.95 -11.41
CA THR B 125 5.67 -0.52 -11.58
C THR B 125 4.28 0.11 -11.78
N PHE B 126 4.08 1.29 -11.24
CA PHE B 126 2.80 1.96 -11.32
C PHE B 126 2.99 3.31 -12.00
N VAL B 127 2.08 3.63 -12.94
CA VAL B 127 2.15 4.90 -13.63
C VAL B 127 2.07 6.06 -12.63
N ARG B 128 1.20 5.94 -11.62
CA ARG B 128 1.05 6.94 -10.58
C ARG B 128 1.31 6.30 -9.22
N ASP B 129 1.71 7.13 -8.26
CA ASP B 129 2.07 6.65 -6.94
C ASP B 129 0.94 6.78 -5.92
N GLU B 130 -0.28 7.00 -6.37
CA GLU B 130 -1.37 7.21 -5.42
C GLU B 130 -1.83 5.91 -4.79
N GLY B 131 -1.96 5.92 -3.46
CA GLY B 131 -2.48 4.79 -2.74
C GLY B 131 -3.99 4.70 -2.83
N PRO B 132 -4.53 3.68 -2.16
CA PRO B 132 -5.97 3.46 -2.18
C PRO B 132 -6.68 4.46 -1.29
N THR B 133 -7.93 4.75 -1.62
CA THR B 133 -8.73 5.60 -0.75
C THR B 133 -9.07 4.84 0.52
N ASP B 134 -9.63 5.56 1.49
CA ASP B 134 -10.35 4.92 2.57
C ASP B 134 -11.58 4.21 2.03
N ILE B 135 -12.12 3.30 2.83
CA ILE B 135 -13.45 2.78 2.59
C ILE B 135 -14.45 3.71 3.26
N VAL B 136 -15.43 4.19 2.49
CA VAL B 136 -16.43 5.16 2.94
C VAL B 136 -17.81 4.53 2.87
N VAL B 137 -18.71 5.01 3.73
CA VAL B 137 -20.08 4.50 3.83
C VAL B 137 -21.05 5.65 3.54
N ASP B 138 -22.01 5.40 2.65
CA ASP B 138 -23.03 6.40 2.36
C ASP B 138 -24.23 6.17 3.28
N GLU B 139 -25.25 7.02 3.13
CA GLU B 139 -26.39 6.98 4.04
C GLU B 139 -27.15 5.65 4.00
N ASP B 140 -26.97 4.84 2.98
CA ASP B 140 -27.65 3.54 2.88
C ASP B 140 -26.77 2.37 3.28
N GLY B 141 -25.57 2.63 3.79
CA GLY B 141 -24.63 1.57 4.11
C GLY B 141 -23.79 1.07 2.95
N VAL B 142 -23.88 1.68 1.77
CA VAL B 142 -23.07 1.25 0.62
C VAL B 142 -21.63 1.65 0.84
N LEU B 143 -20.71 0.69 0.64
CA LEU B 143 -19.28 0.94 0.79
C LEU B 143 -18.62 1.21 -0.57
N SER B 144 -17.67 2.14 -0.57
CA SER B 144 -16.92 2.50 -1.77
C SER B 144 -15.44 2.51 -1.46
N LEU B 145 -14.65 2.11 -2.46
CA LEU B 145 -13.20 2.07 -2.38
C LEU B 145 -12.67 2.29 -3.79
N TYR B 146 -11.64 3.12 -3.94
CA TYR B 146 -11.03 3.35 -5.24
C TYR B 146 -9.53 3.05 -5.17
N VAL B 147 -9.05 2.32 -6.18
CA VAL B 147 -7.63 2.03 -6.37
C VAL B 147 -7.29 2.25 -7.84
N LEU B 148 -5.99 2.30 -8.12
CA LEU B 148 -5.52 2.39 -9.50
C LEU B 148 -4.77 1.13 -9.88
N ASP B 149 -4.98 0.67 -11.11
CA ASP B 149 -4.17 -0.42 -11.60
C ASP B 149 -2.77 0.09 -11.94
N VAL B 150 -1.90 -0.79 -12.43
CA VAL B 150 -0.54 -0.37 -12.73
C VAL B 150 -0.49 0.68 -13.85
N ASN B 151 -1.54 0.81 -14.65
CA ASN B 151 -1.59 1.81 -15.71
C ASN B 151 -2.15 3.14 -15.24
N GLY B 152 -2.50 3.29 -13.97
CA GLY B 152 -3.16 4.49 -13.52
C GLY B 152 -4.65 4.54 -13.79
N LEU B 153 -5.25 3.41 -14.19
CA LEU B 153 -6.67 3.35 -14.47
C LEU B 153 -7.44 3.02 -13.20
N GLU B 154 -8.61 3.62 -13.05
CA GLU B 154 -9.37 3.56 -11.80
C GLU B 154 -10.30 2.36 -11.72
N TYR B 155 -10.19 1.63 -10.61
CA TYR B 155 -11.13 0.59 -10.27
C TYR B 155 -11.86 0.97 -8.99
N GLU B 156 -13.18 0.84 -9.01
CA GLU B 156 -14.03 1.09 -7.85
C GLU B 156 -14.52 -0.25 -7.32
N PHE B 157 -14.35 -0.48 -6.03
CA PHE B 157 -15.00 -1.60 -5.38
C PHE B 157 -16.18 -1.08 -4.56
N THR B 158 -17.31 -1.77 -4.66
CA THR B 158 -18.47 -1.39 -3.89
C THR B 158 -18.99 -2.59 -3.11
N TYR B 159 -19.69 -2.30 -2.03
CA TYR B 159 -20.48 -3.29 -1.31
C TYR B 159 -21.85 -2.68 -1.08
N LEU B 160 -22.88 -3.36 -1.55
CA LEU B 160 -24.26 -2.93 -1.41
C LEU B 160 -24.98 -3.85 -0.44
N PRO B 161 -25.31 -3.41 0.77
CA PRO B 161 -25.98 -4.31 1.71
C PRO B 161 -27.37 -4.68 1.21
N GLU B 162 -27.84 -5.83 1.69
CA GLU B 162 -29.17 -6.32 1.35
C GLU B 162 -30.25 -5.29 1.71
N HIS C 15 9.29 -29.13 3.12
CA HIS C 15 9.90 -28.11 2.27
C HIS C 15 9.73 -28.45 0.79
N ALA C 16 9.68 -27.42 -0.06
CA ALA C 16 9.55 -27.65 -1.49
C ALA C 16 10.84 -28.17 -2.12
N PHE C 17 11.99 -27.85 -1.52
CA PHE C 17 13.28 -28.38 -1.99
C PHE C 17 14.29 -28.18 -0.87
N ARG C 18 15.50 -28.68 -1.08
CA ARG C 18 16.60 -28.51 -0.14
C ARG C 18 17.84 -28.07 -0.88
N PHE C 19 18.42 -26.95 -0.46
CA PHE C 19 19.67 -26.51 -1.05
C PHE C 19 20.73 -27.61 -0.91
N HIS C 20 21.44 -27.90 -2.00
CA HIS C 20 22.39 -29.02 -1.99
C HIS C 20 23.83 -28.57 -2.15
N HIS C 21 24.15 -27.77 -3.18
CA HIS C 21 25.52 -27.31 -3.34
C HIS C 21 25.55 -26.05 -4.19
N ILE C 22 26.65 -25.32 -4.07
CA ILE C 22 26.94 -24.14 -4.87
C ILE C 22 28.20 -24.41 -5.68
N GLY C 23 28.21 -23.99 -6.93
CA GLY C 23 29.34 -24.20 -7.81
C GLY C 23 30.23 -22.97 -7.89
N VAL C 24 31.53 -23.19 -7.73
CA VAL C 24 32.53 -22.13 -7.82
C VAL C 24 33.43 -22.45 -9.01
N GLN C 25 33.43 -21.58 -10.00
CA GLN C 25 34.30 -21.70 -11.16
C GLN C 25 35.55 -20.88 -10.94
N THR C 26 36.72 -21.51 -11.14
CA THR C 26 38.01 -20.88 -10.86
C THR C 26 38.96 -21.10 -12.03
N SER C 27 39.87 -20.15 -12.21
CA SER C 27 40.88 -20.31 -13.25
C SER C 27 42.13 -21.04 -12.78
N ASP C 28 42.29 -21.26 -11.47
CA ASP C 28 43.43 -22.04 -10.95
C ASP C 28 42.93 -22.90 -9.79
N LEU C 29 42.71 -24.19 -10.06
CA LEU C 29 41.99 -25.02 -9.10
C LEU C 29 42.84 -25.37 -7.88
N GLU C 30 44.16 -25.53 -8.04
CA GLU C 30 44.96 -25.95 -6.90
C GLU C 30 45.11 -24.81 -5.90
N ASN C 31 45.27 -23.58 -6.38
CA ASN C 31 45.29 -22.43 -5.49
C ASN C 31 43.98 -22.26 -4.75
N SER C 32 42.84 -22.44 -5.43
CA SER C 32 41.55 -22.35 -4.75
C SER C 32 41.38 -23.46 -3.72
N LEU C 33 41.72 -24.70 -4.09
CA LEU C 33 41.53 -25.81 -3.18
C LEU C 33 42.30 -25.59 -1.89
N GLY C 34 43.59 -25.31 -1.98
CA GLY C 34 44.37 -25.07 -0.76
C GLY C 34 43.76 -24.01 0.12
N TRP C 35 43.42 -22.86 -0.47
CA TRP C 35 42.89 -21.75 0.33
C TRP C 35 41.55 -22.11 0.96
N TYR C 36 40.67 -22.79 0.23
CA TYR C 36 39.37 -23.13 0.80
C TYR C 36 39.50 -24.09 2.00
N ARG C 37 40.41 -25.08 1.92
CA ARG C 37 40.58 -25.95 3.08
C ARG C 37 41.15 -25.18 4.27
N GLU C 38 42.15 -24.34 4.04
CA GLU C 38 42.80 -23.69 5.18
C GLU C 38 41.89 -22.64 5.79
N PHE C 39 41.18 -21.87 4.96
CA PHE C 39 40.32 -20.81 5.49
C PHE C 39 39.08 -21.39 6.16
N PHE C 40 38.26 -22.12 5.39
CA PHE C 40 37.01 -22.67 5.92
C PHE C 40 37.19 -23.95 6.71
N GLY C 41 38.36 -24.56 6.68
CA GLY C 41 38.47 -25.92 7.21
C GLY C 41 37.71 -26.94 6.38
N CYS C 42 37.60 -26.72 5.07
CA CYS C 42 36.87 -27.63 4.21
C CYS C 42 37.50 -29.03 4.21
N GLU C 43 36.66 -30.06 4.27
CA GLU C 43 37.07 -31.41 3.88
C GLU C 43 36.91 -31.58 2.39
N GLN C 44 37.54 -32.61 1.85
CA GLN C 44 37.31 -33.03 0.47
C GLN C 44 36.52 -34.34 0.50
N ASN C 45 35.36 -34.36 -0.15
CA ASN C 45 34.49 -35.52 -0.19
C ASN C 45 34.81 -36.45 -1.35
N TRP C 46 35.16 -35.88 -2.51
CA TRP C 46 35.46 -36.63 -3.72
C TRP C 46 35.92 -35.64 -4.78
N SER C 47 36.50 -36.19 -5.84
CA SER C 47 36.92 -35.39 -6.99
C SER C 47 36.57 -36.16 -8.26
N LEU C 48 36.63 -35.46 -9.38
CA LEU C 48 36.16 -36.02 -10.64
C LEU C 48 36.87 -35.36 -11.79
N GLU C 49 37.34 -36.18 -12.75
CA GLU C 49 38.02 -35.68 -13.94
C GLU C 49 37.49 -36.28 -15.23
N LYS C 50 36.44 -37.10 -15.16
CA LYS C 50 35.74 -37.62 -16.33
C LYS C 50 34.28 -37.26 -16.19
N PHE C 51 33.71 -36.66 -17.23
CA PHE C 51 32.44 -35.95 -17.12
C PHE C 51 31.43 -36.43 -18.13
N SER C 52 30.17 -36.50 -17.70
CA SER C 52 29.07 -36.88 -18.56
C SER C 52 28.88 -35.87 -19.67
N ASP C 53 28.11 -36.27 -20.70
CA ASP C 53 27.77 -35.34 -21.77
C ASP C 53 27.01 -34.14 -21.23
N LEU C 54 26.10 -34.36 -20.29
CA LEU C 54 25.33 -33.26 -19.72
C LEU C 54 26.25 -32.26 -19.04
N THR C 55 27.14 -32.74 -18.17
CA THR C 55 28.03 -31.83 -17.46
C THR C 55 28.88 -31.03 -18.43
N ARG C 56 29.44 -31.70 -19.44
CA ARG C 56 30.24 -31.01 -20.46
CA ARG C 56 30.24 -30.99 -20.44
C ARG C 56 29.40 -29.99 -21.22
N SER C 57 28.11 -30.26 -21.43
CA SER C 57 27.30 -29.29 -22.16
C SER C 57 27.06 -28.03 -21.34
N ARG C 58 26.95 -28.16 -20.01
CA ARG C 58 26.75 -26.98 -19.17
C ARG C 58 28.06 -26.25 -18.91
N LEU C 59 29.19 -26.96 -18.88
CA LEU C 59 30.48 -26.40 -18.51
C LEU C 59 31.54 -26.85 -19.53
N PRO C 60 31.45 -26.35 -20.76
CA PRO C 60 32.40 -26.78 -21.80
C PRO C 60 33.85 -26.53 -21.41
N GLY C 61 34.69 -27.55 -21.62
CA GLY C 61 36.11 -27.46 -21.32
C GLY C 61 36.48 -27.74 -19.88
N ILE C 62 35.55 -28.25 -19.08
CA ILE C 62 35.84 -28.52 -17.67
C ILE C 62 36.88 -29.63 -17.59
N THR C 63 37.84 -29.50 -16.66
CA THR C 63 38.88 -30.51 -16.51
C THR C 63 38.87 -31.22 -15.16
N ARG C 64 38.54 -30.54 -14.07
CA ARG C 64 38.53 -31.21 -12.78
C ARG C 64 37.47 -30.56 -11.88
N LEU C 65 36.82 -31.38 -11.06
CA LEU C 65 35.75 -30.97 -10.17
C LEU C 65 35.96 -31.60 -8.81
N VAL C 66 35.86 -30.80 -7.76
CA VAL C 66 36.08 -31.29 -6.39
C VAL C 66 34.92 -30.81 -5.52
N GLU C 67 34.30 -31.75 -4.79
CA GLU C 67 33.33 -31.37 -3.78
C GLU C 67 34.03 -31.20 -2.44
N LEU C 68 34.01 -29.98 -1.91
CA LEU C 68 34.42 -29.69 -0.55
C LEU C 68 33.20 -29.52 0.35
N ALA C 69 33.36 -29.89 1.62
CA ALA C 69 32.32 -29.67 2.62
C ALA C 69 32.88 -28.88 3.79
N ALA C 70 32.22 -27.77 4.10
CA ALA C 70 32.55 -27.00 5.30
C ALA C 70 31.25 -26.56 5.95
N GLY C 71 31.24 -26.57 7.29
CA GLY C 71 30.00 -26.29 8.01
C GLY C 71 28.93 -27.25 7.52
N ASP C 72 27.76 -26.69 7.18
CA ASP C 72 26.66 -27.43 6.59
C ASP C 72 26.54 -27.20 5.10
N LEU C 73 27.66 -26.90 4.43
CA LEU C 73 27.69 -26.35 3.09
C LEU C 73 28.53 -27.24 2.19
N ARG C 74 27.97 -27.62 1.05
CA ARG C 74 28.71 -28.31 -0.01
C ARG C 74 29.12 -27.30 -1.07
N ILE C 75 30.42 -27.24 -1.37
CA ILE C 75 30.96 -26.37 -2.41
C ILE C 75 31.61 -27.24 -3.48
N HIS C 76 31.21 -27.06 -4.72
CA HIS C 76 31.79 -27.77 -5.87
C HIS C 76 32.73 -26.81 -6.59
N VAL C 77 34.02 -27.00 -6.42
CA VAL C 77 35.03 -26.16 -7.04
C VAL C 77 35.48 -26.84 -8.31
N PHE C 78 35.57 -26.08 -9.41
CA PHE C 78 35.95 -26.70 -10.66
C PHE C 78 36.68 -25.69 -11.53
N GLU C 79 37.49 -26.23 -12.44
CA GLU C 79 38.26 -25.42 -13.38
C GLU C 79 37.96 -25.85 -14.80
N ARG C 80 37.91 -24.88 -15.71
CA ARG C 80 37.56 -25.12 -17.11
C ARG C 80 38.69 -24.57 -17.98
N ALA C 81 39.75 -25.35 -18.13
CA ALA C 81 40.85 -25.01 -19.02
C ALA C 81 41.39 -23.61 -18.75
N ALA C 82 42.33 -23.48 -17.81
CA ALA C 82 42.88 -22.19 -17.44
C ALA C 82 43.48 -21.49 -18.66
N ASP C 83 43.35 -20.15 -18.66
CA ASP C 83 43.59 -19.23 -19.76
C ASP C 83 42.52 -18.15 -19.67
N ALA C 84 41.40 -18.50 -19.04
CA ALA C 84 40.20 -17.68 -19.05
C ALA C 84 40.47 -16.25 -18.58
N THR C 85 39.66 -15.31 -19.09
CA THR C 85 39.72 -13.91 -18.70
C THR C 85 39.65 -13.83 -17.18
N PRO C 86 40.75 -13.49 -16.52
CA PRO C 86 40.84 -13.75 -15.07
C PRO C 86 39.95 -12.85 -14.23
N ALA C 87 39.49 -11.69 -14.75
CA ALA C 87 38.82 -10.73 -13.89
C ALA C 87 37.31 -10.89 -13.95
N PRO C 88 36.65 -11.07 -12.80
CA PRO C 88 35.18 -11.00 -12.77
C PRO C 88 34.67 -9.62 -13.18
N VAL C 89 33.39 -9.59 -13.58
CA VAL C 89 32.71 -8.38 -14.02
C VAL C 89 31.62 -8.06 -13.02
N ALA C 90 31.68 -6.85 -12.44
CA ALA C 90 30.83 -6.52 -11.30
C ALA C 90 29.42 -6.16 -11.70
N GLU C 91 29.24 -5.60 -12.90
CA GLU C 91 27.98 -5.02 -13.33
C GLU C 91 26.97 -6.04 -13.84
N VAL C 92 27.42 -7.21 -14.27
CA VAL C 92 26.55 -8.19 -14.93
C VAL C 92 25.71 -8.92 -13.90
N PRO C 93 24.53 -9.43 -14.30
CA PRO C 93 23.73 -10.23 -13.37
C PRO C 93 24.53 -11.45 -12.91
N GLN C 94 24.36 -11.79 -11.63
CA GLN C 94 25.21 -12.86 -11.11
C GLN C 94 24.68 -13.32 -9.75
N PHE C 95 25.10 -14.53 -9.38
CA PHE C 95 25.14 -14.92 -7.98
C PHE C 95 26.30 -14.16 -7.36
N GLN C 96 26.00 -13.06 -6.65
CA GLN C 96 27.00 -12.05 -6.35
C GLN C 96 27.79 -12.34 -5.07
N HIS C 97 27.18 -12.98 -4.08
CA HIS C 97 27.91 -13.30 -2.87
C HIS C 97 27.20 -14.42 -2.15
N LEU C 98 27.92 -15.03 -1.23
CA LEU C 98 27.43 -16.06 -0.35
C LEU C 98 27.65 -15.61 1.09
N CYS C 99 26.68 -15.85 1.96
CA CYS C 99 26.77 -15.39 3.34
C CYS C 99 26.70 -16.57 4.30
N LEU C 100 27.61 -16.57 5.27
CA LEU C 100 27.70 -17.59 6.30
C LEU C 100 27.43 -16.97 7.67
N ALA C 101 26.59 -17.62 8.46
CA ALA C 101 26.28 -17.15 9.81
C ALA C 101 27.20 -17.81 10.83
N THR C 102 27.69 -16.99 11.77
CA THR C 102 28.63 -17.45 12.78
C THR C 102 27.92 -17.69 14.11
N ARG C 103 28.67 -18.19 15.08
CA ARG C 103 28.10 -18.54 16.38
C ARG C 103 28.26 -17.45 17.44
N SER C 104 29.30 -16.64 17.37
CA SER C 104 29.54 -15.63 18.41
C SER C 104 30.18 -14.41 17.76
N PRO C 105 30.15 -13.25 18.44
CA PRO C 105 30.89 -12.10 17.92
C PRO C 105 32.39 -12.32 17.90
N GLU C 106 32.89 -13.17 18.80
CA GLU C 106 34.31 -13.49 18.78
C GLU C 106 34.70 -14.19 17.49
N GLU C 107 33.88 -15.14 17.05
CA GLU C 107 34.18 -15.83 15.79
C GLU C 107 34.24 -14.85 14.63
N MET C 108 33.45 -13.78 14.66
CA MET C 108 33.53 -12.78 13.61
C MET C 108 34.92 -12.19 13.52
N THR C 109 35.50 -11.82 14.67
CA THR C 109 36.89 -11.35 14.67
C THR C 109 37.84 -12.43 14.16
N GLU C 110 37.61 -13.68 14.57
CA GLU C 110 38.48 -14.78 14.14
C GLU C 110 38.52 -14.91 12.63
N TRP C 111 37.36 -14.82 11.97
CA TRP C 111 37.32 -14.96 10.52
C TRP C 111 38.11 -13.84 9.85
N ARG C 112 37.96 -12.60 10.34
CA ARG C 112 38.71 -11.49 9.77
C ARG C 112 40.20 -11.67 10.03
N ASP C 113 40.57 -12.09 11.24
CA ASP C 113 41.97 -12.36 11.54
C ASP C 113 42.52 -13.51 10.71
N ARG C 114 41.75 -14.59 10.60
CA ARG C 114 42.23 -15.74 9.82
C ARG C 114 42.41 -15.37 8.35
N TRP C 115 41.55 -14.48 7.84
CA TRP C 115 41.73 -14.05 6.45
C TRP C 115 43.03 -13.28 6.28
N LEU C 116 43.27 -12.31 7.16
CA LEU C 116 44.51 -11.55 7.09
C LEU C 116 45.71 -12.47 7.21
N GLU C 117 45.67 -13.38 8.20
CA GLU C 117 46.75 -14.35 8.37
C GLU C 117 47.08 -15.07 7.06
N LEU C 118 46.04 -15.57 6.37
CA LEU C 118 46.29 -16.32 5.15
C LEU C 118 46.79 -15.42 4.03
N TYR C 119 46.26 -14.21 3.92
CA TYR C 119 46.62 -13.33 2.81
C TYR C 119 48.09 -12.92 2.90
N GLU C 120 48.47 -12.28 4.02
CA GLU C 120 49.81 -11.73 4.15
C GLU C 120 50.88 -12.80 4.29
N SER C 121 50.52 -14.08 4.21
CA SER C 121 51.51 -15.16 4.24
C SER C 121 52.06 -15.50 2.87
N GLY C 122 51.54 -14.91 1.81
CA GLY C 122 52.08 -15.11 0.47
C GLY C 122 51.93 -16.52 -0.06
N ARG C 123 51.22 -17.37 0.69
CA ARG C 123 51.06 -18.77 0.32
C ARG C 123 50.08 -18.98 -0.85
N TYR C 124 49.26 -17.98 -1.19
CA TYR C 124 48.27 -18.13 -2.24
C TYR C 124 48.25 -16.88 -3.11
N THR C 125 47.75 -17.05 -4.33
CA THR C 125 47.53 -15.91 -5.23
C THR C 125 46.10 -15.42 -5.09
N PHE C 126 45.93 -14.10 -5.14
CA PHE C 126 44.62 -13.47 -5.02
C PHE C 126 44.36 -12.63 -6.25
N VAL C 127 43.23 -12.91 -6.91
CA VAL C 127 42.82 -12.11 -8.07
C VAL C 127 42.78 -10.62 -7.73
N ARG C 128 42.37 -10.28 -6.50
CA ARG C 128 42.28 -8.89 -6.07
C ARG C 128 43.04 -8.70 -4.78
N ASP C 129 43.75 -7.56 -4.67
CA ASP C 129 44.54 -7.24 -3.48
C ASP C 129 43.77 -6.41 -2.47
N GLU C 130 42.46 -6.61 -2.37
CA GLU C 130 41.63 -5.86 -1.43
C GLU C 130 41.54 -6.63 -0.12
N GLY C 131 41.82 -5.93 0.99
CA GLY C 131 41.72 -6.53 2.30
C GLY C 131 40.28 -6.64 2.77
N PRO C 132 40.10 -7.12 4.00
CA PRO C 132 38.76 -7.31 4.53
C PRO C 132 38.16 -6.02 5.07
N THR C 133 36.83 -5.96 5.08
CA THR C 133 36.15 -4.84 5.71
C THR C 133 36.26 -4.92 7.23
N ASP C 134 35.91 -3.83 7.89
CA ASP C 134 35.70 -3.93 9.33
C ASP C 134 34.44 -4.74 9.61
N ILE C 135 34.29 -5.13 10.87
CA ILE C 135 33.04 -5.70 11.37
C ILE C 135 32.12 -4.54 11.78
N VAL C 136 30.93 -4.47 11.15
CA VAL C 136 29.95 -3.42 11.37
C VAL C 136 28.74 -4.00 12.08
N VAL C 137 28.19 -3.25 13.05
CA VAL C 137 26.99 -3.66 13.77
C VAL C 137 25.86 -2.69 13.45
N ASP C 138 24.68 -3.24 13.12
CA ASP C 138 23.53 -2.40 12.82
C ASP C 138 22.66 -2.23 14.07
N GLU C 139 21.45 -1.69 13.88
CA GLU C 139 20.62 -1.27 15.01
C GLU C 139 20.33 -2.41 15.98
N ASP C 140 20.15 -3.62 15.47
CA ASP C 140 19.74 -4.74 16.30
C ASP C 140 20.89 -5.67 16.68
N GLY C 141 22.13 -5.21 16.56
CA GLY C 141 23.27 -6.01 16.98
C GLY C 141 23.75 -7.04 15.97
N VAL C 142 23.28 -6.98 14.72
CA VAL C 142 23.71 -7.91 13.70
C VAL C 142 25.06 -7.47 13.16
N LEU C 143 26.02 -8.38 13.19
CA LEU C 143 27.39 -8.13 12.77
C LEU C 143 27.58 -8.55 11.33
N SER C 144 28.33 -7.75 10.57
CA SER C 144 28.58 -8.02 9.16
C SER C 144 30.05 -7.83 8.86
N LEU C 145 30.57 -8.69 7.98
CA LEU C 145 31.95 -8.68 7.54
C LEU C 145 32.02 -9.27 6.14
N TYR C 146 32.78 -8.61 5.26
CA TYR C 146 32.96 -9.08 3.90
C TYR C 146 34.43 -9.38 3.63
N VAL C 147 34.70 -10.50 2.96
CA VAL C 147 36.04 -10.84 2.48
C VAL C 147 35.93 -11.40 1.06
N LEU C 148 37.07 -11.43 0.38
CA LEU C 148 37.17 -12.01 -0.95
C LEU C 148 37.97 -13.31 -0.90
N ASP C 149 37.49 -14.33 -1.62
CA ASP C 149 38.30 -15.54 -1.78
C ASP C 149 39.39 -15.27 -2.81
N VAL C 150 40.21 -16.29 -3.09
CA VAL C 150 41.33 -16.12 -4.00
C VAL C 150 40.88 -15.83 -5.43
N ASN C 151 39.64 -16.14 -5.78
CA ASN C 151 39.11 -15.83 -7.10
C ASN C 151 38.49 -14.44 -7.18
N GLY C 152 38.54 -13.66 -6.09
CA GLY C 152 37.89 -12.38 -6.06
C GLY C 152 36.39 -12.41 -5.81
N LEU C 153 35.85 -13.55 -5.41
CA LEU C 153 34.42 -13.72 -5.13
C LEU C 153 34.14 -13.40 -3.67
N GLU C 154 32.97 -12.82 -3.43
CA GLU C 154 32.64 -12.19 -2.16
C GLU C 154 31.94 -13.15 -1.21
N TYR C 155 32.50 -13.28 -0.01
CA TYR C 155 31.85 -14.01 1.08
C TYR C 155 31.49 -13.03 2.18
N GLU C 156 30.28 -13.17 2.70
CA GLU C 156 29.79 -12.36 3.81
C GLU C 156 29.69 -13.23 5.05
N PHE C 157 30.18 -12.71 6.16
CA PHE C 157 30.00 -13.36 7.45
C PHE C 157 29.06 -12.52 8.28
N THR C 158 28.22 -13.19 9.06
CA THR C 158 27.22 -12.47 9.83
C THR C 158 27.03 -13.18 11.16
N TYR C 159 26.52 -12.42 12.12
CA TYR C 159 26.21 -12.93 13.44
C TYR C 159 24.85 -12.40 13.84
N LEU C 160 23.92 -13.31 14.09
CA LEU C 160 22.56 -12.95 14.48
C LEU C 160 22.41 -13.21 15.98
N PRO C 161 22.31 -12.18 16.82
CA PRO C 161 22.21 -12.42 18.27
C PRO C 161 20.89 -13.08 18.67
N HIS D 15 28.99 -27.58 14.23
CA HIS D 15 29.32 -26.99 12.94
C HIS D 15 30.02 -25.64 13.10
N ALA D 16 31.05 -25.41 12.28
CA ALA D 16 31.80 -24.17 12.38
C ALA D 16 30.95 -22.96 11.98
N PHE D 17 30.10 -23.12 10.98
CA PHE D 17 29.27 -22.03 10.49
C PHE D 17 28.09 -22.65 9.75
N ARG D 18 27.13 -21.79 9.40
CA ARG D 18 25.92 -22.22 8.71
C ARG D 18 25.66 -21.31 7.53
N PHE D 19 25.36 -21.90 6.37
CA PHE D 19 24.95 -21.14 5.20
C PHE D 19 23.72 -20.31 5.53
N HIS D 20 23.76 -19.01 5.21
CA HIS D 20 22.65 -18.13 5.54
C HIS D 20 21.87 -17.68 4.31
N HIS D 21 22.52 -17.07 3.33
CA HIS D 21 21.80 -16.63 2.13
C HIS D 21 22.78 -16.55 0.97
N ILE D 22 22.21 -16.54 -0.23
CA ILE D 22 22.97 -16.20 -1.44
C ILE D 22 22.41 -14.90 -1.98
N GLY D 23 23.29 -14.09 -2.57
CA GLY D 23 22.89 -12.83 -3.16
C GLY D 23 22.75 -12.97 -4.67
N VAL D 24 21.61 -12.55 -5.19
CA VAL D 24 21.36 -12.51 -6.63
C VAL D 24 21.29 -11.05 -7.05
N GLN D 25 22.19 -10.66 -7.96
CA GLN D 25 22.22 -9.33 -8.52
C GLN D 25 21.48 -9.35 -9.84
N THR D 26 20.46 -8.49 -9.99
CA THR D 26 19.66 -8.43 -11.19
C THR D 26 19.67 -7.01 -11.75
N SER D 27 19.49 -6.90 -13.07
CA SER D 27 19.28 -5.61 -13.73
C SER D 27 17.81 -5.25 -13.89
N ASP D 28 16.89 -6.13 -13.50
CA ASP D 28 15.44 -5.86 -13.58
C ASP D 28 14.80 -6.49 -12.34
N LEU D 29 14.72 -5.71 -11.26
CA LEU D 29 14.29 -6.28 -9.98
C LEU D 29 12.84 -6.76 -10.05
N GLU D 30 11.94 -5.98 -10.65
CA GLU D 30 10.53 -6.37 -10.75
C GLU D 30 10.37 -7.72 -11.46
N ASN D 31 11.03 -7.87 -12.61
CA ASN D 31 10.91 -9.10 -13.37
C ASN D 31 11.46 -10.30 -12.57
N SER D 32 12.56 -10.11 -11.84
CA SER D 32 13.09 -11.19 -11.00
C SER D 32 12.15 -11.52 -9.85
N LEU D 33 11.68 -10.50 -9.13
CA LEU D 33 10.82 -10.75 -7.97
C LEU D 33 9.54 -11.49 -8.39
N GLY D 34 8.98 -11.13 -9.54
CA GLY D 34 7.79 -11.84 -10.02
C GLY D 34 8.09 -13.30 -10.35
N TRP D 35 9.13 -13.52 -11.16
CA TRP D 35 9.42 -14.88 -11.61
C TRP D 35 9.88 -15.77 -10.46
N TYR D 36 10.69 -15.24 -9.56
CA TYR D 36 11.15 -16.03 -8.43
C TYR D 36 9.98 -16.49 -7.57
N ARG D 37 9.00 -15.61 -7.39
CA ARG D 37 7.79 -15.96 -6.65
C ARG D 37 7.00 -17.05 -7.35
N GLU D 38 6.77 -16.89 -8.66
CA GLU D 38 5.98 -17.88 -9.38
C GLU D 38 6.72 -19.20 -9.52
N PHE D 39 8.03 -19.16 -9.82
CA PHE D 39 8.75 -20.40 -10.07
C PHE D 39 9.10 -21.13 -8.78
N PHE D 40 9.77 -20.46 -7.85
CA PHE D 40 10.18 -21.17 -6.65
C PHE D 40 9.10 -21.22 -5.58
N GLY D 41 8.05 -20.43 -5.71
CA GLY D 41 7.15 -20.24 -4.59
C GLY D 41 7.72 -19.32 -3.52
N CYS D 42 8.67 -18.46 -3.91
CA CYS D 42 9.33 -17.56 -2.95
C CYS D 42 8.31 -16.66 -2.24
N GLU D 43 8.50 -16.50 -0.94
CA GLU D 43 7.78 -15.52 -0.14
C GLU D 43 8.76 -14.42 0.27
N GLN D 44 8.30 -13.18 0.32
CA GLN D 44 9.16 -12.09 0.77
C GLN D 44 9.15 -12.04 2.28
N ASN D 45 10.35 -12.03 2.89
CA ASN D 45 10.45 -11.86 4.33
C ASN D 45 10.58 -10.39 4.72
N TRP D 46 11.39 -9.63 4.00
CA TRP D 46 11.49 -8.21 4.24
C TRP D 46 12.09 -7.55 3.01
N SER D 47 11.95 -6.23 2.98
CA SER D 47 12.45 -5.39 1.91
C SER D 47 13.27 -4.29 2.55
N LEU D 48 14.18 -3.72 1.77
CA LEU D 48 15.09 -2.73 2.34
C LEU D 48 15.52 -1.76 1.26
N GLU D 49 15.38 -0.46 1.53
CA GLU D 49 15.83 0.56 0.58
C GLU D 49 16.73 1.63 1.19
N LYS D 50 17.23 1.41 2.41
CA LYS D 50 18.18 2.31 3.07
C LYS D 50 19.36 1.49 3.55
N PHE D 51 20.58 1.85 3.10
CA PHE D 51 21.73 0.97 3.27
C PHE D 51 22.84 1.66 4.07
N SER D 52 23.63 0.84 4.74
CA SER D 52 24.79 1.33 5.46
C SER D 52 25.90 1.69 4.47
N ASP D 53 26.90 2.42 4.98
CA ASP D 53 28.11 2.68 4.21
C ASP D 53 28.76 1.38 3.75
N LEU D 54 28.77 0.36 4.61
CA LEU D 54 29.43 -0.89 4.26
C LEU D 54 28.74 -1.55 3.06
N THR D 55 27.42 -1.74 3.15
CA THR D 55 26.66 -2.33 2.06
C THR D 55 26.88 -1.57 0.76
N ARG D 56 26.84 -0.23 0.84
CA ARG D 56 26.95 0.59 -0.35
C ARG D 56 28.35 0.55 -0.94
N SER D 57 29.38 0.32 -0.12
CA SER D 57 30.70 0.16 -0.69
C SER D 57 30.83 -1.20 -1.38
N ARG D 58 30.13 -2.23 -0.89
CA ARG D 58 30.21 -3.53 -1.55
C ARG D 58 29.34 -3.59 -2.80
N LEU D 59 28.22 -2.88 -2.81
CA LEU D 59 27.29 -2.88 -3.94
C LEU D 59 27.00 -1.42 -4.32
N PRO D 60 27.92 -0.77 -5.04
CA PRO D 60 27.71 0.63 -5.39
C PRO D 60 26.44 0.83 -6.21
N GLY D 61 25.70 1.89 -5.87
CA GLY D 61 24.50 2.22 -6.59
C GLY D 61 23.29 1.37 -6.27
N ILE D 62 23.36 0.52 -5.24
CA ILE D 62 22.23 -0.32 -4.88
C ILE D 62 21.03 0.54 -4.49
N THR D 63 19.85 0.16 -5.01
CA THR D 63 18.62 0.88 -4.70
C THR D 63 17.62 0.09 -3.88
N ARG D 64 17.53 -1.23 -4.06
CA ARG D 64 16.56 -2.01 -3.31
C ARG D 64 17.06 -3.44 -3.17
N LEU D 65 16.74 -4.06 -2.03
CA LEU D 65 17.19 -5.38 -1.66
C LEU D 65 16.00 -6.10 -1.04
N VAL D 66 15.75 -7.34 -1.47
CA VAL D 66 14.62 -8.10 -0.96
C VAL D 66 15.10 -9.49 -0.56
N GLU D 67 14.73 -9.94 0.63
CA GLU D 67 15.01 -11.31 1.05
C GLU D 67 13.80 -12.18 0.74
N LEU D 68 13.99 -13.13 -0.18
CA LEU D 68 13.01 -14.15 -0.52
C LEU D 68 13.31 -15.42 0.25
N ALA D 69 12.26 -16.21 0.52
CA ALA D 69 12.43 -17.50 1.18
C ALA D 69 11.68 -18.57 0.41
N ALA D 70 12.37 -19.66 0.07
CA ALA D 70 11.71 -20.82 -0.49
C ALA D 70 12.47 -22.05 -0.07
N GLY D 71 11.74 -23.16 0.05
CA GLY D 71 12.35 -24.39 0.54
C GLY D 71 13.05 -24.08 1.85
N ASP D 72 14.33 -24.46 1.95
CA ASP D 72 15.14 -24.11 3.10
C ASP D 72 16.21 -23.08 2.75
N LEU D 73 15.90 -22.17 1.83
CA LEU D 73 16.90 -21.27 1.26
C LEU D 73 16.45 -19.82 1.38
N ARG D 74 17.41 -18.93 1.65
CA ARG D 74 17.21 -17.49 1.65
C ARG D 74 17.93 -16.89 0.45
N ILE D 75 17.20 -16.16 -0.39
CA ILE D 75 17.79 -15.52 -1.57
C ILE D 75 17.59 -14.02 -1.40
N HIS D 76 18.70 -13.27 -1.49
CA HIS D 76 18.67 -11.80 -1.41
C HIS D 76 18.81 -11.26 -2.83
N VAL D 77 17.72 -10.75 -3.37
CA VAL D 77 17.69 -10.23 -4.73
C VAL D 77 17.83 -8.72 -4.64
N PHE D 78 18.74 -8.14 -5.43
CA PHE D 78 18.94 -6.70 -5.36
C PHE D 78 19.30 -6.18 -6.73
N GLU D 79 19.11 -4.88 -6.92
CA GLU D 79 19.42 -4.20 -8.16
C GLU D 79 20.28 -2.97 -7.87
N ARG D 80 21.19 -2.66 -8.79
CA ARG D 80 22.04 -1.49 -8.64
C ARG D 80 21.72 -0.48 -9.75
N ALA D 81 22.73 -0.04 -10.49
CA ALA D 81 22.51 0.96 -11.52
C ALA D 81 21.79 0.36 -12.71
N PRO D 88 25.48 -11.98 -18.29
CA PRO D 88 26.57 -12.75 -17.69
C PRO D 88 27.69 -13.05 -18.68
N VAL D 89 28.91 -13.17 -18.18
CA VAL D 89 30.05 -13.67 -18.96
C VAL D 89 30.49 -15.00 -18.35
N ALA D 90 30.74 -15.98 -19.20
CA ALA D 90 30.72 -17.39 -18.81
C ALA D 90 32.04 -17.90 -18.26
N GLU D 91 33.18 -17.36 -18.70
CA GLU D 91 34.46 -17.97 -18.38
C GLU D 91 35.19 -17.31 -17.21
N VAL D 92 34.75 -16.14 -16.77
CA VAL D 92 35.41 -15.48 -15.64
C VAL D 92 35.09 -16.26 -14.38
N PRO D 93 35.92 -16.17 -13.33
CA PRO D 93 35.59 -16.85 -12.08
C PRO D 93 34.26 -16.34 -11.56
N GLN D 94 33.50 -17.23 -10.91
CA GLN D 94 32.14 -16.86 -10.50
C GLN D 94 31.52 -17.95 -9.64
N PHE D 95 30.51 -17.55 -8.86
CA PHE D 95 29.54 -18.50 -8.32
C PHE D 95 28.66 -18.95 -9.47
N GLN D 96 28.87 -20.17 -9.98
CA GLN D 96 28.39 -20.52 -11.30
C GLN D 96 26.98 -21.06 -11.31
N HIS D 97 26.57 -21.79 -10.28
CA HIS D 97 25.24 -22.36 -10.30
C HIS D 97 24.88 -22.74 -8.87
N LEU D 98 23.58 -22.90 -8.66
CA LEU D 98 23.04 -23.34 -7.40
C LEU D 98 22.30 -24.63 -7.66
N CYS D 99 22.49 -25.61 -6.79
CA CYS D 99 21.84 -26.91 -6.96
C CYS D 99 20.84 -27.13 -5.84
N LEU D 100 19.64 -27.53 -6.20
CA LEU D 100 18.58 -27.79 -5.25
C LEU D 100 18.17 -29.26 -5.38
N ALA D 101 18.09 -29.96 -4.24
CA ALA D 101 17.66 -31.35 -4.20
C ALA D 101 16.15 -31.45 -4.11
N THR D 102 15.58 -32.36 -4.91
CA THR D 102 14.16 -32.65 -4.91
C THR D 102 13.87 -33.89 -4.06
N ARG D 103 12.59 -34.21 -3.93
CA ARG D 103 12.17 -35.35 -3.10
C ARG D 103 11.68 -36.56 -3.88
N SER D 104 11.42 -36.42 -5.17
CA SER D 104 10.94 -37.53 -5.98
C SER D 104 11.27 -37.26 -7.44
N PRO D 105 11.25 -38.28 -8.29
CA PRO D 105 11.28 -38.04 -9.74
C PRO D 105 10.12 -37.23 -10.25
N GLU D 106 8.94 -37.40 -9.65
CA GLU D 106 7.77 -36.63 -10.06
C GLU D 106 7.98 -35.14 -9.84
N GLU D 107 8.63 -34.78 -8.74
CA GLU D 107 8.94 -33.38 -8.52
C GLU D 107 9.90 -32.85 -9.58
N MET D 108 10.83 -33.69 -10.05
CA MET D 108 11.75 -33.25 -11.08
C MET D 108 10.97 -32.83 -12.32
N THR D 109 10.02 -33.67 -12.75
CA THR D 109 9.19 -33.32 -13.91
C THR D 109 8.37 -32.07 -13.64
N GLU D 110 7.86 -31.93 -12.40
CA GLU D 110 7.10 -30.73 -12.03
C GLU D 110 7.93 -29.46 -12.22
N TRP D 111 9.18 -29.47 -11.75
CA TRP D 111 10.03 -28.29 -11.91
C TRP D 111 10.25 -27.95 -13.38
N ARG D 112 10.50 -28.96 -14.21
CA ARG D 112 10.72 -28.70 -15.62
C ARG D 112 9.45 -28.18 -16.27
N ASP D 113 8.30 -28.75 -15.91
CA ASP D 113 7.04 -28.33 -16.50
C ASP D 113 6.71 -26.91 -16.09
N ARG D 114 6.93 -26.58 -14.82
CA ARG D 114 6.64 -25.24 -14.33
C ARG D 114 7.51 -24.21 -15.03
N TRP D 115 8.78 -24.55 -15.28
CA TRP D 115 9.65 -23.61 -16.00
C TRP D 115 9.04 -23.26 -17.36
N LEU D 116 8.60 -24.28 -18.09
CA LEU D 116 8.13 -24.08 -19.45
C LEU D 116 6.83 -23.29 -19.46
N GLU D 117 5.94 -23.59 -18.51
CA GLU D 117 4.69 -22.86 -18.40
C GLU D 117 4.94 -21.38 -18.13
N LEU D 118 5.87 -21.06 -17.24
CA LEU D 118 6.13 -19.67 -16.93
C LEU D 118 6.77 -18.96 -18.11
N TYR D 119 7.71 -19.62 -18.79
CA TYR D 119 8.31 -19.07 -19.99
C TYR D 119 7.26 -18.80 -21.05
N GLU D 120 6.41 -19.79 -21.33
CA GLU D 120 5.43 -19.64 -22.40
C GLU D 120 4.30 -18.69 -22.04
N SER D 121 4.13 -18.37 -20.76
CA SER D 121 3.11 -17.41 -20.39
C SER D 121 3.42 -16.02 -20.92
N GLY D 122 4.67 -15.74 -21.28
CA GLY D 122 5.01 -14.42 -21.75
C GLY D 122 4.89 -13.33 -20.73
N ARG D 123 4.73 -13.68 -19.46
CA ARG D 123 4.71 -12.67 -18.40
C ARG D 123 6.11 -12.19 -18.02
N TYR D 124 7.17 -12.86 -18.46
CA TYR D 124 8.52 -12.56 -18.02
C TYR D 124 9.45 -12.42 -19.21
N THR D 125 10.54 -11.71 -18.99
CA THR D 125 11.60 -11.54 -19.97
C THR D 125 12.83 -12.30 -19.49
N PHE D 126 13.56 -12.90 -20.43
CA PHE D 126 14.69 -13.76 -20.12
C PHE D 126 15.93 -13.24 -20.83
N VAL D 127 17.03 -13.09 -20.07
CA VAL D 127 18.29 -12.68 -20.68
C VAL D 127 18.70 -13.64 -21.79
N ARG D 128 18.50 -14.94 -21.57
CA ARG D 128 18.86 -15.93 -22.57
C ARG D 128 17.65 -16.80 -22.89
N ASP D 129 17.60 -17.32 -24.11
CA ASP D 129 16.42 -18.05 -24.58
C ASP D 129 16.62 -19.56 -24.54
N GLU D 130 17.59 -20.04 -23.77
CA GLU D 130 17.86 -21.47 -23.69
C GLU D 130 16.85 -22.13 -22.76
N GLY D 131 16.09 -23.11 -23.30
CA GLY D 131 15.14 -23.83 -22.51
C GLY D 131 15.80 -24.84 -21.59
N PRO D 132 14.98 -25.55 -20.81
CA PRO D 132 15.54 -26.52 -19.86
C PRO D 132 16.11 -27.74 -20.56
N THR D 133 17.03 -28.41 -19.87
CA THR D 133 17.47 -29.70 -20.33
C THR D 133 16.38 -30.75 -20.11
N ASP D 134 16.62 -31.94 -20.64
CA ASP D 134 15.86 -33.10 -20.22
C ASP D 134 16.18 -33.45 -18.77
N ILE D 135 15.32 -34.25 -18.17
CA ILE D 135 15.61 -34.86 -16.87
C ILE D 135 16.47 -36.08 -17.14
N VAL D 136 17.77 -36.01 -16.78
CA VAL D 136 18.78 -36.99 -17.22
C VAL D 136 19.12 -37.96 -16.09
N VAL D 137 19.38 -39.21 -16.46
CA VAL D 137 19.65 -40.31 -15.53
C VAL D 137 21.13 -40.67 -15.62
N ASP D 138 21.83 -40.68 -14.48
CA ASP D 138 23.22 -41.12 -14.47
C ASP D 138 23.27 -42.63 -14.15
N GLU D 139 24.47 -43.19 -14.07
CA GLU D 139 24.59 -44.64 -13.93
C GLU D 139 24.02 -45.14 -12.60
N ASP D 140 24.02 -44.32 -11.55
CA ASP D 140 23.44 -44.75 -10.27
C ASP D 140 21.97 -44.32 -10.10
N GLY D 141 21.36 -43.74 -11.13
CA GLY D 141 19.98 -43.33 -11.01
C GLY D 141 19.76 -41.93 -10.48
N VAL D 142 20.83 -41.14 -10.29
CA VAL D 142 20.66 -39.74 -9.91
C VAL D 142 20.08 -38.98 -11.09
N LEU D 143 19.05 -38.19 -10.84
CA LEU D 143 18.41 -37.39 -11.87
C LEU D 143 18.96 -35.97 -11.83
N SER D 144 19.21 -35.40 -13.01
CA SER D 144 19.69 -34.02 -13.12
C SER D 144 18.83 -33.21 -14.09
N LEU D 145 18.70 -31.91 -13.78
CA LEU D 145 17.95 -30.97 -14.60
C LEU D 145 18.57 -29.59 -14.44
N TYR D 146 18.87 -28.93 -15.55
CA TYR D 146 19.38 -27.56 -15.52
C TYR D 146 18.38 -26.61 -16.15
N VAL D 147 18.10 -25.51 -15.46
CA VAL D 147 17.31 -24.41 -16.01
C VAL D 147 18.05 -23.12 -15.75
N LEU D 148 17.64 -22.07 -16.45
CA LEU D 148 18.13 -20.72 -16.20
C LEU D 148 17.03 -19.86 -15.63
N ASP D 149 17.39 -18.97 -14.70
CA ASP D 149 16.44 -17.98 -14.24
C ASP D 149 16.33 -16.86 -15.28
N VAL D 150 15.51 -15.86 -14.97
CA VAL D 150 15.30 -14.74 -15.89
C VAL D 150 16.56 -13.93 -16.14
N ASN D 151 17.54 -14.04 -15.25
CA ASN D 151 18.81 -13.34 -15.38
C ASN D 151 19.84 -14.13 -16.18
N GLY D 152 19.50 -15.33 -16.63
CA GLY D 152 20.46 -16.20 -17.26
C GLY D 152 21.35 -16.95 -16.29
N LEU D 153 20.98 -17.01 -15.02
CA LEU D 153 21.77 -17.71 -14.02
C LEU D 153 21.27 -19.13 -13.86
N GLU D 154 22.20 -20.05 -13.61
CA GLU D 154 21.94 -21.48 -13.75
C GLU D 154 21.50 -22.12 -12.43
N TYR D 155 20.40 -22.86 -12.50
CA TYR D 155 19.91 -23.64 -11.37
C TYR D 155 19.94 -25.12 -11.73
N GLU D 156 20.45 -25.94 -10.82
CA GLU D 156 20.48 -27.38 -11.02
C GLU D 156 19.49 -28.01 -10.05
N PHE D 157 18.63 -28.86 -10.57
CA PHE D 157 17.76 -29.69 -9.75
C PHE D 157 18.29 -31.11 -9.85
N THR D 158 18.28 -31.81 -8.71
CA THR D 158 18.78 -33.17 -8.67
C THR D 158 17.85 -34.02 -7.81
N TYR D 159 17.82 -35.31 -8.11
CA TYR D 159 17.14 -36.28 -7.26
C TYR D 159 18.13 -37.38 -6.93
N LEU D 160 18.28 -37.66 -5.64
CA LEU D 160 19.24 -38.64 -5.15
C LEU D 160 18.48 -39.83 -4.60
N PRO D 161 18.45 -40.96 -5.30
CA PRO D 161 17.55 -42.06 -4.90
C PRO D 161 17.79 -42.59 -3.50
N GLU D 162 18.97 -42.41 -2.92
CA GLU D 162 19.16 -42.72 -1.50
C GLU D 162 20.08 -41.72 -0.83
N HIS E 15 -28.19 6.64 27.29
CA HIS E 15 -27.65 7.93 26.85
C HIS E 15 -27.52 7.99 25.34
N ALA E 16 -27.76 9.18 24.77
CA ALA E 16 -27.68 9.34 23.32
C ALA E 16 -26.27 9.06 22.81
N PHE E 17 -25.25 9.49 23.56
CA PHE E 17 -23.87 9.25 23.16
C PHE E 17 -23.01 9.22 24.42
N ARG E 18 -21.79 8.72 24.27
CA ARG E 18 -20.85 8.57 25.36
C ARG E 18 -19.52 9.21 24.97
N PHE E 19 -19.00 10.06 25.85
CA PHE E 19 -17.66 10.59 25.66
C PHE E 19 -16.65 9.44 25.55
N HIS E 20 -15.72 9.54 24.58
CA HIS E 20 -14.80 8.45 24.29
C HIS E 20 -13.34 8.84 24.47
N HIS E 21 -12.89 9.94 23.87
CA HIS E 21 -11.52 10.40 24.03
C HIS E 21 -11.42 11.87 23.66
N ILE E 22 -10.38 12.51 24.18
CA ILE E 22 -10.02 13.87 23.78
C ILE E 22 -8.64 13.78 23.17
N GLY E 23 -8.38 14.63 22.18
CA GLY E 23 -7.13 14.63 21.46
C GLY E 23 -6.23 15.77 21.92
N VAL E 24 -5.01 15.43 22.32
CA VAL E 24 -4.02 16.41 22.74
C VAL E 24 -2.91 16.48 21.69
N GLN E 25 -2.76 17.64 21.08
CA GLN E 25 -1.73 17.88 20.08
C GLN E 25 -0.52 18.52 20.78
N THR E 26 0.65 17.94 20.56
CA THR E 26 1.89 18.38 21.18
C THR E 26 2.99 18.51 20.14
N SER E 27 3.95 19.37 20.43
CA SER E 27 5.11 19.55 19.56
C SER E 27 6.31 18.70 19.99
N ASP E 28 6.11 17.78 20.95
CA ASP E 28 7.20 16.93 21.45
C ASP E 28 6.56 15.69 22.08
N LEU E 29 6.29 14.68 21.26
CA LEU E 29 5.48 13.55 21.70
C LEU E 29 6.09 12.85 22.91
N GLU E 30 7.40 12.58 22.86
CA GLU E 30 8.04 11.83 23.94
C GLU E 30 7.97 12.58 25.26
N ASN E 31 8.26 13.89 25.24
CA ASN E 31 8.17 14.69 26.46
C ASN E 31 6.77 14.65 27.05
N SER E 32 5.75 14.83 26.21
CA SER E 32 4.36 14.74 26.68
C SER E 32 4.05 13.33 27.17
N LEU E 33 4.42 12.32 26.39
CA LEU E 33 4.09 10.95 26.77
C LEU E 33 4.65 10.62 28.15
N GLY E 34 5.91 10.98 28.39
CA GLY E 34 6.52 10.69 29.68
C GLY E 34 5.80 11.37 30.83
N TRP E 35 5.53 12.67 30.68
CA TRP E 35 4.88 13.42 31.76
C TRP E 35 3.47 12.91 32.03
N TYR E 36 2.69 12.67 30.97
CA TYR E 36 1.32 12.19 31.18
C TYR E 36 1.29 10.85 31.92
N ARG E 37 2.26 9.96 31.63
CA ARG E 37 2.35 8.72 32.40
C ARG E 37 2.70 9.00 33.86
N GLU E 38 3.69 9.86 34.10
CA GLU E 38 4.16 10.12 35.46
C GLU E 38 3.12 10.89 36.27
N PHE E 39 2.49 11.89 35.68
CA PHE E 39 1.60 12.75 36.45
C PHE E 39 0.24 12.08 36.69
N PHE E 40 -0.38 11.56 35.63
CA PHE E 40 -1.72 11.00 35.75
C PHE E 40 -1.74 9.52 36.07
N GLY E 41 -0.61 8.83 35.97
CA GLY E 41 -0.63 7.39 36.02
C GLY E 41 -1.11 6.75 34.74
N CYS E 42 -0.84 7.39 33.60
CA CYS E 42 -1.35 6.92 32.32
C CYS E 42 -0.70 5.60 31.92
N GLU E 43 -1.53 4.63 31.58
CA GLU E 43 -1.09 3.41 30.92
C GLU E 43 -1.30 3.55 29.42
N GLN E 44 -0.39 3.00 28.63
CA GLN E 44 -0.44 3.13 27.18
C GLN E 44 -1.18 1.93 26.59
N ASN E 45 -2.23 2.21 25.82
CA ASN E 45 -3.06 1.16 25.23
C ASN E 45 -2.53 0.68 23.88
N TRP E 46 -2.24 1.61 22.98
CA TRP E 46 -1.65 1.27 21.69
C TRP E 46 -1.00 2.52 21.10
N SER E 47 -0.19 2.29 20.09
CA SER E 47 0.46 3.33 19.31
C SER E 47 0.14 3.09 17.84
N LEU E 48 0.24 4.15 17.02
CA LEU E 48 -0.09 4.02 15.61
C LEU E 48 0.75 4.99 14.80
N GLU E 49 1.31 4.52 13.69
CA GLU E 49 2.12 5.37 12.82
C GLU E 49 1.72 5.31 11.36
N LYS E 50 0.60 4.65 11.03
CA LYS E 50 0.05 4.67 9.68
C LYS E 50 -1.42 5.04 9.77
N PHE E 51 -1.84 5.98 8.93
CA PHE E 51 -3.11 6.67 9.11
C PHE E 51 -3.94 6.61 7.84
N SER E 52 -5.26 6.61 8.03
CA SER E 52 -6.19 6.75 6.93
C SER E 52 -6.00 8.09 6.23
N ASP E 53 -6.56 8.21 5.03
CA ASP E 53 -6.63 9.51 4.36
C ASP E 53 -7.39 10.52 5.21
N LEU E 54 -8.46 10.06 5.87
CA LEU E 54 -9.26 11.00 6.64
C LEU E 54 -8.46 11.59 7.79
N THR E 55 -7.81 10.73 8.57
CA THR E 55 -6.98 11.24 9.68
C THR E 55 -5.97 12.26 9.19
N ARG E 56 -5.27 11.96 8.09
CA ARG E 56 -4.26 12.87 7.57
C ARG E 56 -4.86 14.18 7.08
N SER E 57 -6.10 14.16 6.61
CA SER E 57 -6.72 15.42 6.21
C SER E 57 -7.11 16.27 7.43
N ARG E 58 -7.49 15.65 8.54
CA ARG E 58 -7.78 16.44 9.75
C ARG E 58 -6.51 16.90 10.44
N LEU E 59 -5.41 16.17 10.30
CA LEU E 59 -4.16 16.44 11.02
C LEU E 59 -2.99 16.35 10.04
N PRO E 60 -2.86 17.33 9.14
CA PRO E 60 -1.82 17.23 8.11
C PRO E 60 -0.43 17.17 8.75
N GLY E 61 0.37 16.20 8.31
CA GLY E 61 1.71 16.02 8.83
C GLY E 61 1.83 15.14 10.06
N ILE E 62 0.74 14.57 10.55
CA ILE E 62 0.80 13.71 11.73
C ILE E 62 1.79 12.57 11.50
N THR E 63 2.64 12.31 12.50
CA THR E 63 3.60 11.22 12.40
C THR E 63 3.32 10.07 13.35
N ARG E 64 2.88 10.34 14.58
CA ARG E 64 2.68 9.27 15.54
C ARG E 64 1.52 9.61 16.46
N LEU E 65 0.72 8.61 16.80
CA LEU E 65 -0.46 8.77 17.64
C LEU E 65 -0.44 7.70 18.71
N VAL E 66 -0.72 8.10 19.96
CA VAL E 66 -0.66 7.21 21.11
C VAL E 66 -1.90 7.42 21.95
N GLU E 67 -2.56 6.33 22.33
CA GLU E 67 -3.69 6.39 23.24
C GLU E 67 -3.22 6.06 24.66
N LEU E 68 -3.50 6.96 25.60
CA LEU E 68 -3.26 6.74 27.03
C LEU E 68 -4.57 6.58 27.77
N ALA E 69 -4.55 5.76 28.82
CA ALA E 69 -5.71 5.60 29.69
C ALA E 69 -5.35 6.00 31.11
N ALA E 70 -6.29 6.69 31.77
CA ALA E 70 -6.11 7.11 33.15
C ALA E 70 -7.47 7.43 33.75
N GLY E 71 -7.79 6.81 34.87
CA GLY E 71 -9.16 6.84 35.37
C GLY E 71 -10.08 6.22 34.35
N ASP E 72 -11.20 6.89 34.08
CA ASP E 72 -12.14 6.54 33.02
CA ASP E 72 -12.07 6.45 32.98
C ASP E 72 -11.93 7.37 31.77
N LEU E 73 -10.73 7.89 31.55
CA LEU E 73 -10.45 8.90 30.54
C LEU E 73 -9.44 8.38 29.52
N ARG E 74 -9.76 8.56 28.24
CA ARG E 74 -8.85 8.22 27.14
C ARG E 74 -8.28 9.51 26.55
N ILE E 75 -6.95 9.58 26.43
CA ILE E 75 -6.27 10.73 25.83
C ILE E 75 -5.46 10.26 24.63
N HIS E 76 -5.78 10.81 23.45
CA HIS E 76 -4.97 10.59 22.25
C HIS E 76 -3.96 11.73 22.14
N VAL E 77 -2.67 11.40 22.35
CA VAL E 77 -1.59 12.36 22.22
C VAL E 77 -0.93 12.14 20.87
N PHE E 78 -0.73 13.23 20.12
CA PHE E 78 -0.10 13.10 18.81
C PHE E 78 0.76 14.32 18.52
N GLU E 79 1.70 14.12 17.58
CA GLU E 79 2.61 15.15 17.11
C GLU E 79 2.52 15.22 15.60
N ARG E 80 2.59 16.42 15.05
CA ARG E 80 2.57 16.59 13.59
C ARG E 80 3.89 17.17 13.09
N PRO E 86 4.36 26.05 18.52
CA PRO E 86 5.06 26.93 19.46
C PRO E 86 4.30 27.12 20.79
N ALA E 87 3.56 28.22 20.92
CA ALA E 87 2.83 28.56 22.14
C ALA E 87 1.34 28.68 21.86
N PRO E 88 0.48 28.09 22.69
CA PRO E 88 -0.96 28.13 22.42
C PRO E 88 -1.54 29.53 22.60
N VAL E 89 -2.40 29.93 21.67
CA VAL E 89 -3.03 31.24 21.72
C VAL E 89 -4.17 31.21 22.74
N ALA E 90 -4.31 32.29 23.52
CA ALA E 90 -5.25 32.27 24.61
C ALA E 90 -6.62 32.85 24.25
N GLU E 91 -6.69 33.72 23.24
CA GLU E 91 -7.93 34.43 22.99
C GLU E 91 -8.85 33.77 21.97
N VAL E 92 -8.34 32.87 21.13
CA VAL E 92 -9.13 32.29 20.05
C VAL E 92 -10.14 31.30 20.62
N PRO E 93 -11.21 30.96 19.90
CA PRO E 93 -12.10 29.90 20.39
C PRO E 93 -11.33 28.58 20.49
N GLN E 94 -11.65 27.79 21.52
CA GLN E 94 -10.84 26.62 21.79
C GLN E 94 -11.53 25.73 22.80
N PHE E 95 -11.15 24.46 22.82
CA PHE E 95 -11.35 23.63 24.00
C PHE E 95 -10.31 24.14 25.00
N GLN E 96 -10.76 24.92 25.97
CA GLN E 96 -9.83 25.72 26.76
C GLN E 96 -9.24 24.93 27.92
N HIS E 97 -9.99 24.03 28.53
CA HIS E 97 -9.47 23.29 29.66
C HIS E 97 -10.27 22.01 29.86
N LEU E 98 -9.64 21.07 30.56
CA LEU E 98 -10.28 19.83 30.97
C LEU E 98 -10.36 19.83 32.49
N CYS E 99 -11.49 19.37 33.02
CA CYS E 99 -11.68 19.34 34.46
C CYS E 99 -11.84 17.90 34.94
N LEU E 100 -11.03 17.51 35.92
CA LEU E 100 -11.07 16.20 36.52
C LEU E 100 -11.55 16.31 37.96
N ALA E 101 -12.48 15.45 38.35
CA ALA E 101 -12.98 15.42 39.71
C ALA E 101 -12.14 14.47 40.56
N THR E 102 -11.91 14.86 41.81
CA THR E 102 -11.29 14.02 42.82
C THR E 102 -12.36 13.51 43.77
N ARG E 103 -11.94 12.80 44.82
CA ARG E 103 -12.88 12.25 45.79
C ARG E 103 -12.63 12.67 47.23
N SER E 104 -11.51 13.31 47.54
CA SER E 104 -11.26 13.82 48.88
C SER E 104 -10.53 15.14 48.78
N PRO E 105 -10.69 16.03 49.76
CA PRO E 105 -9.90 17.26 49.76
C PRO E 105 -8.40 17.01 49.83
N GLU E 106 -7.97 15.99 50.56
CA GLU E 106 -6.54 15.72 50.65
C GLU E 106 -5.96 15.25 49.32
N GLU E 107 -6.81 14.80 48.41
CA GLU E 107 -6.31 14.43 47.10
C GLU E 107 -5.90 15.67 46.31
N MET E 108 -6.64 16.77 46.46
CA MET E 108 -6.30 18.00 45.75
C MET E 108 -4.87 18.41 46.05
N THR E 109 -4.47 18.42 47.32
CA THR E 109 -3.09 18.74 47.66
C THR E 109 -2.15 17.69 47.07
N GLU E 110 -2.52 16.42 47.12
CA GLU E 110 -1.70 15.37 46.54
C GLU E 110 -1.42 15.63 45.07
N TRP E 111 -2.47 15.97 44.29
CA TRP E 111 -2.27 16.33 42.89
C TRP E 111 -1.36 17.54 42.76
N ARG E 112 -1.50 18.50 43.68
CA ARG E 112 -0.71 19.73 43.61
C ARG E 112 0.76 19.46 43.93
N ASP E 113 1.02 18.69 44.98
CA ASP E 113 2.41 18.37 45.32
C ASP E 113 3.05 17.53 44.24
N ARG E 114 2.29 16.59 43.65
CA ARG E 114 2.84 15.75 42.59
C ARG E 114 3.19 16.56 41.36
N TRP E 115 2.38 17.57 41.02
CA TRP E 115 2.76 18.48 39.96
C TRP E 115 4.07 19.17 40.26
N LEU E 116 4.21 19.71 41.48
CA LEU E 116 5.45 20.36 41.87
C LEU E 116 6.64 19.42 41.78
N GLU E 117 6.46 18.19 42.27
CA GLU E 117 7.56 17.24 42.27
C GLU E 117 8.07 17.00 40.85
N LEU E 118 7.17 16.73 39.90
CA LEU E 118 7.59 16.45 38.54
C LEU E 118 8.19 17.69 37.87
N TYR E 119 7.65 18.87 38.16
CA TYR E 119 8.13 20.08 37.51
C TYR E 119 9.55 20.43 37.93
N GLU E 120 9.81 20.43 39.23
CA GLU E 120 11.13 20.84 39.71
C GLU E 120 12.16 19.71 39.61
N SER E 121 11.77 18.55 39.09
CA SER E 121 12.74 17.49 38.83
C SER E 121 13.54 17.73 37.56
N GLY E 122 13.20 18.76 36.77
CA GLY E 122 13.87 19.04 35.52
C GLY E 122 13.75 17.97 34.47
N ARG E 123 13.07 16.85 34.76
CA ARG E 123 13.01 15.73 33.84
C ARG E 123 12.27 16.06 32.55
N TYR E 124 11.42 17.09 32.56
CA TYR E 124 10.59 17.42 31.41
C TYR E 124 10.74 18.90 31.09
N THR E 125 10.44 19.24 29.85
CA THR E 125 10.37 20.62 29.42
C THR E 125 8.92 21.09 29.47
N PHE E 126 8.73 22.32 29.91
CA PHE E 126 7.41 22.93 30.05
C PHE E 126 7.35 24.16 29.17
N VAL E 127 6.31 24.24 28.34
CA VAL E 127 6.12 25.40 27.48
C VAL E 127 5.98 26.67 28.33
N ARG E 128 5.35 26.56 29.49
CA ARG E 128 5.19 27.71 30.38
C ARG E 128 5.70 27.37 31.78
N ASP E 129 6.14 28.39 32.50
CA ASP E 129 6.69 28.24 33.83
C ASP E 129 5.65 28.51 34.92
N GLU E 130 4.37 28.57 34.56
CA GLU E 130 3.32 28.81 35.53
C GLU E 130 3.20 27.62 36.48
N GLY E 131 3.18 27.91 37.78
CA GLY E 131 3.01 26.89 38.78
C GLY E 131 1.56 26.69 39.13
N PRO E 132 1.26 25.72 40.00
CA PRO E 132 -0.13 25.46 40.38
C PRO E 132 -0.72 26.65 41.11
N THR E 133 -2.04 26.79 40.99
CA THR E 133 -2.76 27.79 41.76
C THR E 133 -2.97 27.31 43.19
N ASP E 134 -3.45 28.22 44.04
CA ASP E 134 -3.97 27.83 45.34
C ASP E 134 -5.22 26.97 45.17
N ILE E 135 -5.59 26.27 46.23
CA ILE E 135 -6.88 25.58 46.27
C ILE E 135 -7.90 26.55 46.84
N VAL E 136 -8.95 26.82 46.05
CA VAL E 136 -9.97 27.81 46.36
C VAL E 136 -11.30 27.11 46.60
N VAL E 137 -12.10 27.68 47.51
CA VAL E 137 -13.43 27.17 47.84
C VAL E 137 -14.46 28.17 47.35
N ASP E 138 -15.57 27.67 46.80
CA ASP E 138 -16.69 28.54 46.46
C ASP E 138 -17.77 28.40 47.52
N GLU E 139 -18.89 29.11 47.32
CA GLU E 139 -19.94 29.14 48.34
C GLU E 139 -20.55 27.77 48.61
N ASP E 140 -20.32 26.77 47.76
CA ASP E 140 -20.95 25.46 47.92
C ASP E 140 -19.99 24.42 48.46
N GLY E 141 -18.75 24.79 48.77
CA GLY E 141 -17.77 23.83 49.22
C GLY E 141 -16.96 23.18 48.12
N VAL E 142 -17.11 23.63 46.88
CA VAL E 142 -16.39 23.04 45.75
C VAL E 142 -14.97 23.59 45.73
N LEU E 143 -13.99 22.69 45.67
CA LEU E 143 -12.58 23.04 45.65
C LEU E 143 -12.06 23.09 44.22
N SER E 144 -11.19 24.06 43.93
CA SER E 144 -10.65 24.24 42.60
C SER E 144 -9.15 24.42 42.65
N LEU E 145 -8.49 23.85 41.63
CA LEU E 145 -7.04 23.93 41.47
C LEU E 145 -6.73 23.85 39.99
N TYR E 146 -5.84 24.71 39.50
CA TYR E 146 -5.45 24.73 38.10
C TYR E 146 -3.95 24.49 37.97
N VAL E 147 -3.59 23.61 37.04
CA VAL E 147 -2.20 23.36 36.67
C VAL E 147 -2.12 23.30 35.15
N LEU E 148 -0.89 23.35 34.63
CA LEU E 148 -0.63 23.28 33.21
C LEU E 148 0.19 22.03 32.90
N ASP E 149 -0.18 21.33 31.84
CA ASP E 149 0.64 20.23 31.36
C ASP E 149 1.90 20.79 30.70
N VAL E 150 2.76 19.89 30.22
CA VAL E 150 4.00 20.32 29.62
C VAL E 150 3.79 21.18 28.38
N ASN E 151 2.62 21.07 27.74
CA ASN E 151 2.29 21.85 26.55
C ASN E 151 1.69 23.21 26.86
N GLY E 152 1.56 23.58 28.14
CA GLY E 152 0.89 24.81 28.48
C GLY E 152 -0.62 24.74 28.41
N LEU E 153 -1.18 23.54 28.47
CA LEU E 153 -2.62 23.32 28.39
C LEU E 153 -3.18 23.13 29.79
N GLU E 154 -4.36 23.69 30.02
CA GLU E 154 -4.88 23.87 31.37
C GLU E 154 -5.75 22.69 31.81
N TYR E 155 -5.42 22.14 32.97
CA TYR E 155 -6.20 21.10 33.63
C TYR E 155 -6.77 21.66 34.93
N GLU E 156 -8.01 21.31 35.23
CA GLU E 156 -8.69 21.77 36.43
C GLU E 156 -9.03 20.57 37.29
N PHE E 157 -8.56 20.58 38.53
CA PHE E 157 -8.97 19.60 39.51
C PHE E 157 -10.08 20.20 40.37
N THR E 158 -11.12 19.42 40.62
CA THR E 158 -12.25 19.86 41.42
C THR E 158 -12.62 18.81 42.44
N TYR E 159 -13.43 19.22 43.42
CA TYR E 159 -13.93 18.31 44.44
C TYR E 159 -15.35 18.71 44.83
N LEU E 160 -16.25 17.73 44.84
CA LEU E 160 -17.66 17.92 45.12
C LEU E 160 -18.12 17.05 46.28
N PRO E 161 -18.94 17.58 47.20
CA PRO E 161 -19.65 16.73 48.16
C PRO E 161 -21.02 16.30 47.65
N ALA F 16 -8.33 6.62 39.47
CA ALA F 16 -7.90 7.63 40.43
C ALA F 16 -8.81 8.86 40.40
N PHE F 17 -8.97 9.46 39.23
CA PHE F 17 -9.82 10.63 39.05
C PHE F 17 -10.98 10.31 38.10
N ARG F 18 -11.86 11.29 37.92
CA ARG F 18 -13.02 11.16 37.06
C ARG F 18 -13.17 12.41 36.21
N PHE F 19 -13.28 12.23 34.89
CA PHE F 19 -13.50 13.37 34.02
C PHE F 19 -14.80 14.08 34.39
N HIS F 20 -14.75 15.41 34.51
CA HIS F 20 -15.88 16.19 34.98
C HIS F 20 -16.48 17.09 33.91
N HIS F 21 -15.70 17.99 33.32
CA HIS F 21 -16.28 18.83 32.28
C HIS F 21 -15.17 19.29 31.34
N ILE F 22 -15.57 19.71 30.16
CA ILE F 22 -14.67 20.31 29.18
C ILE F 22 -15.05 21.78 29.03
N GLY F 23 -14.05 22.63 28.87
CA GLY F 23 -14.27 24.06 28.77
C GLY F 23 -14.23 24.49 27.32
N VAL F 24 -15.32 25.12 26.87
CA VAL F 24 -15.41 25.62 25.51
C VAL F 24 -15.46 27.14 25.57
N GLN F 25 -14.42 27.78 25.05
CA GLN F 25 -14.33 29.23 24.99
C GLN F 25 -14.80 29.70 23.63
N THR F 26 -15.79 30.59 23.61
CA THR F 26 -16.39 31.04 22.36
C THR F 26 -16.40 32.56 22.32
N SER F 27 -16.72 33.10 21.14
CA SER F 27 -16.86 34.53 20.94
C SER F 27 -18.31 34.99 20.85
N ASP F 28 -19.26 34.06 20.79
CA ASP F 28 -20.68 34.36 20.70
C ASP F 28 -21.41 33.30 21.54
N LEU F 29 -21.63 33.61 22.81
CA LEU F 29 -22.15 32.61 23.74
C LEU F 29 -23.54 32.13 23.34
N GLU F 30 -24.46 33.05 23.05
CA GLU F 30 -25.82 32.60 22.81
C GLU F 30 -25.91 31.77 21.53
N ASN F 31 -25.13 32.12 20.52
CA ASN F 31 -25.11 31.33 19.29
C ASN F 31 -24.60 29.91 19.57
N SER F 32 -23.53 29.78 20.39
CA SER F 32 -23.06 28.45 20.74
C SER F 32 -24.06 27.72 21.63
N LEU F 33 -24.68 28.42 22.57
CA LEU F 33 -25.66 27.76 23.43
C LEU F 33 -26.84 27.22 22.62
N GLY F 34 -27.31 27.99 21.63
CA GLY F 34 -28.41 27.51 20.79
C GLY F 34 -28.01 26.30 19.97
N TRP F 35 -26.83 26.35 19.34
CA TRP F 35 -26.41 25.25 18.48
C TRP F 35 -26.09 23.99 19.30
N TYR F 36 -25.42 24.15 20.43
CA TYR F 36 -25.11 22.99 21.26
C TYR F 36 -26.38 22.31 21.75
N ARG F 37 -27.37 23.09 22.17
CA ARG F 37 -28.63 22.49 22.61
C ARG F 37 -29.36 21.82 21.45
N GLU F 38 -29.36 22.45 20.27
CA GLU F 38 -30.07 21.84 19.14
C GLU F 38 -29.30 20.64 18.58
N PHE F 39 -27.98 20.75 18.48
CA PHE F 39 -27.25 19.66 17.83
C PHE F 39 -27.08 18.48 18.77
N PHE F 40 -26.57 18.71 19.98
CA PHE F 40 -26.30 17.63 20.91
C PHE F 40 -27.50 17.26 21.78
N GLY F 41 -28.57 18.04 21.76
CA GLY F 41 -29.65 17.84 22.72
C GLY F 41 -29.29 18.26 24.13
N CYS F 42 -28.45 19.28 24.27
CA CYS F 42 -27.96 19.70 25.57
C CYS F 42 -29.08 20.36 26.38
N GLU F 43 -29.09 20.12 27.68
CA GLU F 43 -29.91 20.89 28.62
C GLU F 43 -29.00 21.80 29.42
N GLN F 44 -29.52 22.96 29.79
CA GLN F 44 -28.74 23.95 30.54
C GLN F 44 -28.96 23.74 32.03
N ASN F 45 -27.88 23.48 32.76
CA ASN F 45 -27.96 23.20 34.19
C ASN F 45 -27.93 24.47 35.03
N TRP F 46 -27.11 25.45 34.66
CA TRP F 46 -27.07 26.74 35.34
C TRP F 46 -26.22 27.70 34.52
N SER F 47 -26.29 28.97 34.90
CA SER F 47 -25.54 30.05 34.28
C SER F 47 -24.95 30.91 35.39
N LEU F 48 -23.83 31.56 35.09
CA LEU F 48 -23.10 32.29 36.11
C LEU F 48 -22.48 33.54 35.49
N GLU F 49 -22.65 34.68 36.16
CA GLU F 49 -22.02 35.93 35.74
C GLU F 49 -21.22 36.60 36.87
N LYS F 50 -21.01 35.91 38.00
CA LYS F 50 -20.27 36.42 39.16
C LYS F 50 -19.15 35.43 39.47
N PHE F 51 -17.90 35.85 39.26
CA PHE F 51 -16.77 34.93 39.22
C PHE F 51 -15.74 35.26 40.29
N SER F 52 -15.08 34.20 40.78
CA SER F 52 -13.97 34.30 41.71
C SER F 52 -12.78 35.01 41.07
N ASP F 53 -11.86 35.48 41.92
CA ASP F 53 -10.60 36.02 41.41
C ASP F 53 -9.82 34.96 40.65
N LEU F 54 -9.86 33.71 41.13
CA LEU F 54 -9.14 32.63 40.46
C LEU F 54 -9.69 32.43 39.05
N THR F 55 -11.01 32.39 38.92
CA THR F 55 -11.60 32.21 37.59
C THR F 55 -11.23 33.36 36.68
N ARG F 56 -11.36 34.60 37.19
CA ARG F 56 -11.02 35.75 36.36
C ARG F 56 -9.54 35.78 36.04
N SER F 57 -8.69 35.17 36.88
CA SER F 57 -7.27 35.10 36.53
C SER F 57 -7.02 34.06 35.43
N ARG F 58 -7.72 32.92 35.46
CA ARG F 58 -7.51 31.93 34.41
C ARG F 58 -8.13 32.40 33.09
N LEU F 59 -9.26 33.10 33.17
CA LEU F 59 -10.02 33.54 32.00
C LEU F 59 -10.26 35.04 32.08
N PRO F 60 -9.21 35.85 31.90
CA PRO F 60 -9.37 37.31 32.06
C PRO F 60 -10.39 37.87 31.08
N GLY F 61 -11.36 38.62 31.62
CA GLY F 61 -12.41 39.22 30.85
C GLY F 61 -13.66 38.37 30.70
N ILE F 62 -13.73 37.22 31.39
CA ILE F 62 -14.91 36.36 31.32
C ILE F 62 -16.15 37.15 31.73
N THR F 63 -17.22 37.00 30.96
CA THR F 63 -18.48 37.68 31.25
C THR F 63 -19.61 36.74 31.63
N ARG F 64 -19.71 35.55 31.02
CA ARG F 64 -20.78 34.64 31.35
C ARG F 64 -20.35 33.20 31.15
N LEU F 65 -20.90 32.32 31.95
CA LEU F 65 -20.49 30.93 31.99
C LEU F 65 -21.72 30.06 32.15
N VAL F 66 -21.89 29.09 31.25
CA VAL F 66 -23.07 28.23 31.25
C VAL F 66 -22.60 26.79 31.24
N GLU F 67 -23.22 25.98 32.09
CA GLU F 67 -22.97 24.55 32.12
C GLU F 67 -24.05 23.87 31.29
N LEU F 68 -23.66 23.26 30.19
CA LEU F 68 -24.58 22.43 29.42
C LEU F 68 -24.30 20.96 29.72
N ALA F 69 -25.33 20.12 29.57
CA ALA F 69 -25.18 18.70 29.85
C ALA F 69 -25.90 17.91 28.77
N ALA F 70 -25.20 16.97 28.16
CA ALA F 70 -25.79 16.02 27.23
C ALA F 70 -25.16 14.67 27.48
N GLY F 71 -25.98 13.63 27.56
CA GLY F 71 -25.48 12.31 27.92
C GLY F 71 -24.71 12.39 29.22
N ASP F 72 -23.55 11.74 29.25
CA ASP F 72 -22.65 11.86 30.38
C ASP F 72 -21.79 13.11 30.32
N LEU F 73 -21.78 13.80 29.18
CA LEU F 73 -20.86 14.90 28.95
C LEU F 73 -21.38 16.16 29.61
N ARG F 74 -20.47 16.88 30.26
CA ARG F 74 -20.76 18.17 30.82
C ARG F 74 -19.86 19.18 30.13
N ILE F 75 -20.46 20.22 29.56
CA ILE F 75 -19.74 21.21 28.76
C ILE F 75 -19.95 22.57 29.39
N HIS F 76 -18.86 23.23 29.78
CA HIS F 76 -18.93 24.60 30.27
C HIS F 76 -18.58 25.51 29.10
N VAL F 77 -19.56 26.29 28.66
CA VAL F 77 -19.40 27.22 27.57
C VAL F 77 -19.32 28.62 28.17
N PHE F 78 -18.34 29.41 27.74
CA PHE F 78 -18.20 30.75 28.30
C PHE F 78 -17.66 31.70 27.25
N GLU F 79 -17.96 32.97 27.45
CA GLU F 79 -17.51 34.06 26.58
C GLU F 79 -16.63 35.02 27.37
N ARG F 80 -15.49 35.38 26.80
CA ARG F 80 -14.72 36.48 27.36
C ARG F 80 -15.13 37.77 26.65
N ALA F 81 -14.24 38.38 25.88
CA ALA F 81 -14.56 39.61 25.18
C ALA F 81 -13.69 39.79 23.93
N ALA F 87 -10.86 33.09 14.90
CA ALA F 87 -10.71 31.69 14.47
C ALA F 87 -9.52 31.01 15.14
N PRO F 88 -9.69 29.74 15.53
CA PRO F 88 -8.59 29.01 16.18
C PRO F 88 -7.37 28.87 15.27
N VAL F 89 -6.25 28.49 15.88
CA VAL F 89 -4.97 28.33 15.19
C VAL F 89 -4.60 26.84 15.23
N ALA F 90 -4.36 26.26 14.05
CA ALA F 90 -4.24 24.81 13.95
C ALA F 90 -2.88 24.27 14.37
N GLU F 91 -1.82 25.09 14.33
CA GLU F 91 -0.47 24.56 14.44
C GLU F 91 0.09 24.57 15.86
N VAL F 92 -0.62 25.14 16.82
CA VAL F 92 -0.09 25.31 18.18
C VAL F 92 -0.61 24.19 19.07
N PRO F 93 0.05 23.91 20.20
CA PRO F 93 -0.45 22.87 21.12
C PRO F 93 -1.86 23.21 21.58
N GLN F 94 -2.67 22.17 21.74
CA GLN F 94 -4.08 22.40 22.00
C GLN F 94 -4.78 21.10 22.35
N PHE F 95 -5.89 21.20 23.07
CA PHE F 95 -6.90 20.15 23.05
C PHE F 95 -7.55 20.22 21.68
N GLN F 96 -7.20 19.29 20.79
CA GLN F 96 -7.50 19.45 19.36
C GLN F 96 -8.88 18.97 18.97
N HIS F 97 -9.40 17.95 19.65
CA HIS F 97 -10.73 17.49 19.31
C HIS F 97 -11.26 16.68 20.47
N LEU F 98 -12.56 16.48 20.43
CA LEU F 98 -13.29 15.66 21.37
C LEU F 98 -14.03 14.60 20.56
N CYS F 99 -13.99 13.35 21.02
CA CYS F 99 -14.65 12.27 20.31
C CYS F 99 -15.78 11.68 21.14
N LEU F 100 -16.93 11.50 20.51
CA LEU F 100 -18.11 10.91 21.13
C LEU F 100 -18.45 9.60 20.44
N ALA F 101 -18.73 8.57 21.26
CA ALA F 101 -19.07 7.25 20.77
C ALA F 101 -20.57 7.11 20.62
N THR F 102 -21.00 6.52 19.51
CA THR F 102 -22.41 6.39 19.19
C THR F 102 -22.86 4.94 19.42
N ARG F 103 -24.14 4.67 19.13
CA ARG F 103 -24.69 3.35 19.42
C ARG F 103 -24.88 2.48 18.19
N SER F 104 -25.00 3.06 17.00
CA SER F 104 -25.27 2.27 15.81
C SER F 104 -24.71 3.00 14.60
N PRO F 105 -24.45 2.28 13.50
CA PRO F 105 -24.12 2.98 12.24
C PRO F 105 -25.22 3.91 11.77
N GLU F 106 -26.49 3.60 12.07
CA GLU F 106 -27.58 4.50 11.69
C GLU F 106 -27.43 5.85 12.37
N GLU F 107 -27.07 5.85 13.66
CA GLU F 107 -26.91 7.11 14.39
C GLU F 107 -25.81 7.96 13.78
N MET F 108 -24.73 7.32 13.31
CA MET F 108 -23.66 8.06 12.64
C MET F 108 -24.19 8.86 11.46
N THR F 109 -24.99 8.21 10.60
CA THR F 109 -25.61 8.94 9.49
C THR F 109 -26.49 10.06 10.02
N GLU F 110 -27.27 9.80 11.07
CA GLU F 110 -28.16 10.81 11.64
C GLU F 110 -27.37 12.02 12.15
N TRP F 111 -26.23 11.79 12.78
CA TRP F 111 -25.43 12.94 13.23
C TRP F 111 -24.98 13.78 12.04
N ARG F 112 -24.54 13.13 10.96
CA ARG F 112 -24.09 13.89 9.79
C ARG F 112 -25.24 14.66 9.17
N ASP F 113 -26.38 14.01 9.00
CA ASP F 113 -27.56 14.68 8.45
C ASP F 113 -27.95 15.87 9.32
N ARG F 114 -28.02 15.65 10.64
CA ARG F 114 -28.44 16.72 11.54
C ARG F 114 -27.47 17.90 11.53
N TRP F 115 -26.17 17.64 11.45
CA TRP F 115 -25.22 18.74 11.28
C TRP F 115 -25.56 19.56 10.03
N LEU F 116 -25.78 18.86 8.91
CA LEU F 116 -26.11 19.52 7.66
C LEU F 116 -27.39 20.35 7.78
N GLU F 117 -28.40 19.81 8.46
CA GLU F 117 -29.65 20.52 8.60
C GLU F 117 -29.46 21.80 9.41
N LEU F 118 -28.77 21.71 10.54
CA LEU F 118 -28.55 22.92 11.34
C LEU F 118 -27.67 23.91 10.58
N TYR F 119 -26.68 23.42 9.85
CA TYR F 119 -25.81 24.30 9.09
C TYR F 119 -26.60 25.05 8.00
N GLU F 120 -27.47 24.33 7.30
CA GLU F 120 -28.18 24.92 6.17
C GLU F 120 -29.37 25.78 6.60
N SER F 121 -29.80 25.66 7.87
CA SER F 121 -30.96 26.41 8.34
C SER F 121 -30.74 27.91 8.39
N GLY F 122 -29.50 28.39 8.47
CA GLY F 122 -29.25 29.81 8.62
C GLY F 122 -29.53 30.37 10.00
N ARG F 123 -29.89 29.53 10.97
CA ARG F 123 -30.17 29.99 12.31
C ARG F 123 -28.92 30.10 13.18
N TYR F 124 -27.75 29.72 12.66
CA TYR F 124 -26.52 29.80 13.44
C TYR F 124 -25.38 30.28 12.56
N THR F 125 -24.47 31.01 13.18
CA THR F 125 -23.26 31.48 12.53
C THR F 125 -22.15 30.47 12.77
N PHE F 126 -21.29 30.30 11.77
CA PHE F 126 -20.18 29.35 11.85
C PHE F 126 -18.90 30.10 11.49
N VAL F 127 -17.88 29.97 12.35
CA VAL F 127 -16.55 30.50 12.05
C VAL F 127 -16.02 29.96 10.72
N ARG F 128 -16.25 28.68 10.42
CA ARG F 128 -15.74 28.09 9.19
C ARG F 128 -16.89 27.51 8.36
N ASP F 129 -16.73 27.58 7.04
CA ASP F 129 -17.72 27.06 6.10
C ASP F 129 -17.47 25.60 5.71
N GLU F 130 -16.81 24.83 6.57
CA GLU F 130 -16.39 23.48 6.24
C GLU F 130 -17.51 22.50 6.58
N GLY F 131 -17.94 21.72 5.58
CA GLY F 131 -18.95 20.73 5.79
C GLY F 131 -18.39 19.52 6.51
N PRO F 132 -19.25 18.55 6.82
CA PRO F 132 -18.79 17.34 7.50
C PRO F 132 -18.00 16.44 6.56
N THR F 133 -17.18 15.57 7.17
CA THR F 133 -16.50 14.55 6.39
C THR F 133 -17.49 13.47 5.97
N ASP F 134 -17.06 12.62 5.04
CA ASP F 134 -17.70 11.33 4.86
C ASP F 134 -17.53 10.48 6.11
N ILE F 135 -18.41 9.51 6.28
CA ILE F 135 -18.21 8.45 7.26
C ILE F 135 -17.29 7.37 6.68
N VAL F 136 -16.15 7.14 7.33
CA VAL F 136 -15.16 6.17 6.88
C VAL F 136 -15.15 5.00 7.86
N VAL F 137 -14.77 3.83 7.34
CA VAL F 137 -14.67 2.63 8.14
C VAL F 137 -13.24 2.08 8.04
N ASP F 138 -12.67 1.71 9.17
CA ASP F 138 -11.32 1.17 9.21
C ASP F 138 -11.36 -0.36 9.11
N GLU F 139 -10.17 -0.99 9.19
CA GLU F 139 -10.04 -2.42 8.97
C GLU F 139 -10.77 -3.27 10.01
N ASP F 140 -11.22 -2.67 11.11
CA ASP F 140 -11.92 -3.38 12.17
C ASP F 140 -13.40 -3.03 12.24
N GLY F 141 -13.93 -2.28 11.27
CA GLY F 141 -15.31 -1.90 11.27
C GLY F 141 -15.63 -0.64 12.07
N VAL F 142 -14.62 0.04 12.64
CA VAL F 142 -14.88 1.28 13.36
C VAL F 142 -15.25 2.38 12.38
N LEU F 143 -16.31 3.13 12.69
CA LEU F 143 -16.77 4.24 11.86
C LEU F 143 -16.29 5.56 12.43
N SER F 144 -15.94 6.50 11.55
CA SER F 144 -15.44 7.82 11.95
C SER F 144 -16.15 8.90 11.15
N LEU F 145 -16.42 10.02 11.81
CA LEU F 145 -17.02 11.20 11.20
C LEU F 145 -16.52 12.43 11.95
N TYR F 146 -16.10 13.46 11.21
CA TYR F 146 -15.62 14.70 11.81
C TYR F 146 -16.51 15.86 11.38
N VAL F 147 -16.90 16.69 12.35
CA VAL F 147 -17.68 17.90 12.13
C VAL F 147 -17.06 19.03 12.95
N LEU F 148 -17.39 20.26 12.58
CA LEU F 148 -16.98 21.43 13.35
C LEU F 148 -18.20 22.07 14.00
N ASP F 149 -18.02 22.49 15.26
CA ASP F 149 -19.05 23.29 15.91
C ASP F 149 -19.03 24.69 15.34
N VAL F 150 -19.92 25.54 15.84
CA VAL F 150 -20.07 26.91 15.34
C VAL F 150 -18.82 27.75 15.57
N ASN F 151 -17.92 27.30 16.44
CA ASN F 151 -16.67 27.96 16.76
C ASN F 151 -15.50 27.47 15.92
N GLY F 152 -15.71 26.49 15.05
CA GLY F 152 -14.60 25.90 14.33
C GLY F 152 -13.86 24.84 15.11
N LEU F 153 -14.43 24.31 16.17
CA LEU F 153 -13.75 23.28 16.96
C LEU F 153 -14.26 21.91 16.54
N GLU F 154 -13.35 20.92 16.59
CA GLU F 154 -13.56 19.65 15.94
C GLU F 154 -14.16 18.61 16.88
N TYR F 155 -15.27 18.01 16.45
CA TYR F 155 -15.88 16.87 17.11
C TYR F 155 -15.76 15.66 16.22
N GLU F 156 -15.35 14.54 16.80
CA GLU F 156 -15.27 13.26 16.12
C GLU F 156 -16.38 12.37 16.65
N PHE F 157 -17.17 11.80 15.74
CA PHE F 157 -18.12 10.78 16.12
C PHE F 157 -17.55 9.43 15.70
N THR F 158 -17.70 8.43 16.56
CA THR F 158 -17.18 7.09 16.28
C THR F 158 -18.24 6.05 16.61
N TYR F 159 -18.16 4.91 15.93
CA TYR F 159 -18.98 3.76 16.29
C TYR F 159 -18.07 2.56 16.43
N LEU F 160 -18.10 1.94 17.60
CA LEU F 160 -17.25 0.81 17.93
C LEU F 160 -18.09 -0.47 17.89
N PRO F 161 -17.98 -1.28 16.83
CA PRO F 161 -18.77 -2.52 16.79
C PRO F 161 -18.41 -3.49 17.91
N GLU F 162 -17.16 -3.49 18.34
CA GLU F 162 -16.69 -4.44 19.36
C GLU F 162 -17.21 -4.05 20.74
FE FE G . -12.51 -6.18 -28.27
FE FE H . -18.71 4.46 -10.10
FE FE I . 24.20 -10.56 1.91
FE FE J . 26.28 -28.92 -9.62
C TRS K . 9.54 -3.98 -15.34
C1 TRS K . 9.84 -3.39 -16.72
C2 TRS K . 10.21 -3.13 -14.25
C3 TRS K . 8.02 -3.97 -15.16
N TRS K . 10.04 -5.36 -15.28
O1 TRS K . 11.20 -3.56 -17.08
O2 TRS K . 11.57 -2.86 -14.55
O3 TRS K . 7.62 -4.42 -13.88
FE FE L . -13.87 24.51 34.45
FE FE M . -9.76 11.15 17.82
#